data_6MEE
#
_entry.id   6MEE
#
_cell.length_a   55.130
_cell.length_b   63.586
_cell.length_c   73.760
_cell.angle_alpha   80.310
_cell.angle_beta   74.110
_cell.angle_gamma   83.730
#
_symmetry.space_group_name_H-M   'P 1'
#
loop_
_entity.id
_entity.type
_entity.pdbx_description
1 polymer 'antibody HEPC74 Heavy Chain'
2 polymer 'antibody HEPC74 Light Chain'
3 water water
#
loop_
_entity_poly.entity_id
_entity_poly.type
_entity_poly.pdbx_seq_one_letter_code
_entity_poly.pdbx_strand_id
1 'polypeptide(L)'
;QVQLVQSGAEVKKPGSSVKVSCTTSGGTYINYAISWVRQAPGQGLEWVGGMSPISNTPKYAQKFQGRVTITADESTSTTY
MELSSLRPEDTAVYYCARDLLKYCGGGNCHSLLVDPWGQGTLVTVSSASTKGPSVFPLAPSSKSTSGGTAALGCLVKDYF
PEPVTVSWNSGALTSGVHTFPAVLQSSGLYSLSSVVTVPSSSLGTQTYICNVNHKPSNTKVDKRVEPKSCDKTHHHHHH
;
A,C
2 'polypeptide(L)'
;DIVMTQSPSTLSASVGDRVTISCRASQSISSWLAWYQQKPGRAPKLLIYKASSLETGVPSRFSGSGSGTEFTLTISSLQP
DDFATYYCQHYNTYLFTFGPGTKVDLKRTVAAPSVFIFPPSDEQLKSGTASVVCLLNNFYPREAKVQWKVDNALQSGNSQ
ESVTEQDSKDSTYSLSSTLTLSKADYEKHKVYACEVTHQGLSSPVTKSFNRGEC
;
B,D
#
# COMPACT_ATOMS: atom_id res chain seq x y z
N VAL A 2 45.41 8.36 6.60
CA VAL A 2 44.53 9.40 7.13
C VAL A 2 43.37 8.74 7.83
N GLN A 3 42.95 9.32 8.93
CA GLN A 3 41.83 8.77 9.67
C GLN A 3 41.11 9.91 10.38
N LEU A 4 39.80 9.77 10.44
CA LEU A 4 38.96 10.62 11.27
C LEU A 4 38.43 9.76 12.40
N VAL A 5 38.78 10.11 13.61
CA VAL A 5 38.39 9.35 14.79
C VAL A 5 37.20 10.07 15.43
N GLN A 6 36.10 9.34 15.64
CA GLN A 6 34.89 9.91 16.21
C GLN A 6 34.67 9.44 17.65
N SER A 7 33.93 10.26 18.41
CA SER A 7 33.53 9.90 19.75
C SER A 7 32.49 8.79 19.69
N GLY A 8 32.11 8.32 20.85
CA GLY A 8 31.35 7.08 20.92
C GLY A 8 29.85 7.28 20.91
N ALA A 9 29.17 6.16 20.80
CA ALA A 9 27.71 6.13 20.73
C ALA A 9 27.12 6.72 22.00
N GLU A 10 25.99 7.43 21.85
CA GLU A 10 25.32 8.07 22.96
C GLU A 10 23.82 7.76 22.96
N VAL A 11 23.25 7.52 24.13
CA VAL A 11 21.80 7.48 24.30
C VAL A 11 21.42 8.74 25.05
N LYS A 12 20.49 9.51 24.49
CA LYS A 12 20.13 10.81 25.02
C LYS A 12 18.62 10.95 25.15
N LYS A 13 18.18 11.62 26.20
CA LYS A 13 16.77 11.82 26.38
C LYS A 13 16.24 12.87 25.41
N PRO A 14 15.00 12.75 24.98
CA PRO A 14 14.40 13.82 24.18
C PRO A 14 14.47 15.15 24.92
N GLY A 15 14.74 16.21 24.17
CA GLY A 15 14.94 17.53 24.73
C GLY A 15 16.35 17.87 25.13
N SER A 16 17.23 16.86 25.25
CA SER A 16 18.60 17.09 25.67
C SER A 16 19.48 17.49 24.47
N SER A 17 20.78 17.66 24.71
CA SER A 17 21.72 17.97 23.65
C SER A 17 22.85 16.93 23.67
N VAL A 18 23.47 16.75 22.51
CA VAL A 18 24.60 15.84 22.38
C VAL A 18 25.73 16.58 21.69
N LYS A 19 26.97 16.24 22.05
CA LYS A 19 28.14 16.84 21.42
C LYS A 19 29.07 15.72 20.94
N VAL A 20 29.17 15.56 19.62
CA VAL A 20 29.96 14.51 18.99
C VAL A 20 31.24 15.14 18.47
N SER A 21 32.34 14.39 18.49
CA SER A 21 33.62 14.94 18.09
C SER A 21 34.24 14.13 16.96
N CYS A 22 35.08 14.80 16.19
CA CYS A 22 35.84 14.22 15.09
C CYS A 22 37.26 14.75 15.21
N THR A 23 38.24 13.85 15.27
CA THR A 23 39.65 14.24 15.44
C THR A 23 40.42 13.72 14.24
N THR A 24 41.20 14.59 13.62
CA THR A 24 41.93 14.16 12.44
C THR A 24 43.27 13.56 12.81
N SER A 25 43.70 12.60 12.01
CA SER A 25 44.99 11.94 12.13
C SER A 25 45.84 12.46 10.97
N GLY A 26 46.59 13.51 11.23
CA GLY A 26 47.54 14.07 10.28
C GLY A 26 47.05 14.07 8.84
N ASN A 31 45.37 21.22 9.79
CA ASN A 31 43.97 21.20 10.21
C ASN A 31 43.03 21.31 9.04
N TYR A 32 42.00 20.50 9.08
CA TYR A 32 41.04 20.40 8.00
C TYR A 32 39.69 20.91 8.47
N ALA A 33 38.90 21.30 7.50
CA ALA A 33 37.51 21.65 7.70
C ALA A 33 36.70 20.36 7.70
N ILE A 34 35.91 20.17 8.74
CA ILE A 34 35.14 18.95 8.93
C ILE A 34 33.65 19.23 8.78
N SER A 35 32.95 18.32 8.11
CA SER A 35 31.50 18.34 7.96
C SER A 35 30.88 17.09 8.58
N TRP A 36 29.61 17.22 8.87
CA TRP A 36 28.80 16.19 9.49
C TRP A 36 27.62 15.84 8.58
N VAL A 37 27.46 14.53 8.34
CA VAL A 37 26.37 14.00 7.54
C VAL A 37 25.76 12.88 8.35
N ARG A 38 24.44 12.85 8.48
CA ARG A 38 23.79 11.81 9.26
C ARG A 38 22.94 10.92 8.38
N GLN A 39 22.58 9.76 8.96
CA GLN A 39 21.68 8.80 8.30
C GLN A 39 20.79 8.17 9.36
N ALA A 40 19.51 8.52 9.33
CA ALA A 40 18.54 7.91 10.23
C ALA A 40 18.16 6.53 9.69
N PRO A 41 17.63 5.65 10.54
CA PRO A 41 17.36 4.28 10.08
C PRO A 41 16.43 4.24 8.89
N GLY A 42 16.88 3.58 7.84
CA GLY A 42 16.06 3.45 6.64
C GLY A 42 16.01 4.66 5.75
N GLN A 43 16.72 5.74 6.10
CA GLN A 43 16.64 6.99 5.35
C GLN A 43 17.94 7.25 4.59
N GLY A 44 17.92 8.34 3.83
CA GLY A 44 19.06 8.72 3.04
C GLY A 44 20.08 9.54 3.83
N LEU A 45 21.16 9.86 3.17
CA LEU A 45 22.16 10.75 3.77
C LEU A 45 21.61 12.17 3.87
N GLU A 46 21.91 12.85 4.98
CA GLU A 46 21.43 14.20 5.20
C GLU A 46 22.58 15.03 5.76
N TRP A 47 22.97 16.06 5.03
CA TRP A 47 24.02 16.94 5.54
C TRP A 47 23.52 17.80 6.69
N VAL A 48 24.30 17.87 7.77
CA VAL A 48 23.92 18.64 8.95
C VAL A 48 24.60 20.00 8.94
N GLY A 49 25.92 20.02 8.82
CA GLY A 49 26.65 21.26 8.86
C GLY A 49 28.12 20.96 8.97
N GLY A 50 28.93 22.02 8.90
CA GLY A 50 30.37 21.82 9.02
C GLY A 50 31.12 23.14 9.07
N MET A 51 32.43 23.05 9.23
CA MET A 51 33.28 24.23 9.09
C MET A 51 33.55 24.46 7.61
N SER A 52 33.47 25.72 7.17
CA SER A 52 33.77 26.03 5.77
C SER A 52 35.28 26.08 5.56
N PRO A 53 35.80 25.43 4.51
CA PRO A 53 37.23 25.59 4.20
C PRO A 53 37.57 26.93 3.58
N ILE A 54 36.58 27.76 3.24
CA ILE A 54 36.84 29.10 2.71
C ILE A 54 36.90 30.12 3.82
N SER A 55 35.90 30.15 4.69
CA SER A 55 35.80 31.17 5.73
C SER A 55 36.25 30.68 7.10
N ASN A 56 36.51 29.37 7.26
CA ASN A 56 36.87 28.80 8.56
C ASN A 56 35.83 29.17 9.62
N THR A 57 34.57 29.25 9.20
CA THR A 57 33.45 29.48 10.08
C THR A 57 32.39 28.46 9.74
N PRO A 58 31.42 28.23 10.62
CA PRO A 58 30.45 27.18 10.40
C PRO A 58 29.38 27.53 9.36
N LYS A 59 28.90 26.47 8.68
CA LYS A 59 27.80 26.55 7.75
C LYS A 59 26.87 25.41 8.13
N TYR A 60 25.57 25.67 8.10
CA TYR A 60 24.59 24.74 8.59
C TYR A 60 23.50 24.52 7.55
N ALA A 61 22.95 23.31 7.52
CA ALA A 61 21.76 23.12 6.71
C ALA A 61 20.59 23.88 7.33
N GLN A 62 19.70 24.39 6.48
CA GLN A 62 18.65 25.26 6.99
C GLN A 62 17.84 24.57 8.07
N LYS A 63 17.57 23.28 7.88
CA LYS A 63 16.72 22.54 8.80
C LYS A 63 17.28 22.53 10.22
N PHE A 64 18.59 22.72 10.39
CA PHE A 64 19.20 22.63 11.70
C PHE A 64 19.64 23.97 12.24
N GLN A 65 19.61 25.01 11.42
CA GLN A 65 20.01 26.35 11.83
C GLN A 65 19.18 26.78 13.03
N GLY A 66 19.85 27.22 14.09
CA GLY A 66 19.19 27.56 15.33
C GLY A 66 19.19 26.44 16.36
N ARG A 67 19.66 25.25 15.98
CA ARG A 67 19.66 24.08 16.85
C ARG A 67 20.98 23.30 16.85
N VAL A 68 21.95 23.66 15.99
CA VAL A 68 23.22 22.97 15.94
C VAL A 68 24.33 24.02 16.03
N THR A 69 25.42 23.67 16.71
CA THR A 69 26.60 24.52 16.82
C THR A 69 27.82 23.66 16.49
N ILE A 70 28.64 24.11 15.55
CA ILE A 70 29.84 23.40 15.19
C ILE A 70 31.02 24.27 15.57
N THR A 71 31.98 23.66 16.26
CA THR A 71 33.18 24.35 16.76
C THR A 71 34.40 23.51 16.47
N ALA A 72 35.57 24.14 16.57
CA ALA A 72 36.81 23.42 16.29
C ALA A 72 37.89 23.92 17.22
N ASP A 73 38.58 22.99 17.88
CA ASP A 73 39.77 23.30 18.68
C ASP A 73 40.98 22.89 17.84
N GLU A 74 41.65 23.88 17.27
CA GLU A 74 42.80 23.61 16.43
C GLU A 74 43.92 22.95 17.23
N SER A 75 44.00 23.22 18.53
CA SER A 75 45.07 22.70 19.37
C SER A 75 44.93 21.21 19.63
N THR A 76 43.80 20.61 19.30
CA THR A 76 43.60 19.17 19.46
C THR A 76 43.15 18.51 18.17
N SER A 77 43.19 19.24 17.04
CA SER A 77 42.74 18.78 15.73
C SER A 77 41.32 18.22 15.78
N THR A 78 40.47 18.77 16.64
CA THR A 78 39.15 18.20 16.87
C THR A 78 38.07 19.21 16.49
N THR A 79 37.05 18.72 15.82
CA THR A 79 35.85 19.47 15.51
C THR A 79 34.65 18.81 16.20
N TYR A 80 33.72 19.64 16.68
CA TYR A 80 32.58 19.19 17.45
C TYR A 80 31.29 19.64 16.78
N MET A 81 30.27 18.79 16.90
CA MET A 81 28.91 19.09 16.48
C MET A 81 28.05 18.91 17.71
N GLU A 82 27.41 20.00 18.15
CA GLU A 82 26.50 19.96 19.30
C GLU A 82 25.08 20.19 18.78
N LEU A 83 24.23 19.18 18.94
CA LEU A 83 22.85 19.23 18.47
C LEU A 83 21.93 19.25 19.69
N SER A 84 21.09 20.28 19.76
CA SER A 84 20.26 20.49 20.95
C SER A 84 18.80 20.21 20.63
N SER A 85 17.99 20.26 21.69
CA SER A 85 16.55 19.96 21.61
C SER A 85 16.29 18.69 20.82
N LEU A 86 16.98 17.62 21.22
CA LEU A 86 16.95 16.36 20.49
C LEU A 86 15.54 15.78 20.44
N ARG A 87 15.19 15.24 19.28
CA ARG A 87 13.90 14.62 19.01
C ARG A 87 14.12 13.18 18.55
N PRO A 88 13.08 12.36 18.61
CA PRO A 88 13.21 10.99 18.12
C PRO A 88 13.76 10.88 16.70
N GLU A 89 13.38 11.78 15.81
CA GLU A 89 13.89 11.70 14.44
C GLU A 89 15.38 12.08 14.30
N ASP A 90 16.00 12.59 15.37
CA ASP A 90 17.43 12.80 15.36
C ASP A 90 18.24 11.52 15.62
N THR A 91 17.57 10.42 15.96
CA THR A 91 18.27 9.15 16.08
C THR A 91 18.87 8.79 14.74
N ALA A 92 20.17 8.57 14.70
CA ALA A 92 20.86 8.44 13.41
C ALA A 92 22.33 8.14 13.66
N VAL A 93 23.01 7.64 12.63
CA VAL A 93 24.46 7.60 12.63
C VAL A 93 24.96 8.92 12.06
N TYR A 94 25.82 9.60 12.82
CA TYR A 94 26.43 10.87 12.42
C TYR A 94 27.86 10.58 11.99
N TYR A 95 28.15 10.87 10.72
CA TYR A 95 29.48 10.69 10.15
C TYR A 95 30.16 12.05 10.00
N CYS A 96 31.45 12.06 10.20
CA CYS A 96 32.25 13.22 9.83
C CYS A 96 33.09 12.93 8.58
N ALA A 97 33.43 14.01 7.86
CA ALA A 97 34.23 13.92 6.65
C ALA A 97 34.96 15.24 6.46
N ARG A 98 36.11 15.20 5.84
CA ARG A 98 36.84 16.42 5.47
C ARG A 98 36.16 17.09 4.29
N ASP A 99 35.99 18.41 4.37
CA ASP A 99 35.43 19.24 3.31
C ASP A 99 36.63 19.93 2.71
N LEU A 100 37.06 19.47 1.54
CA LEU A 100 38.36 19.80 0.99
C LEU A 100 38.18 20.56 -0.31
N LEU A 101 38.83 21.73 -0.42
CA LEU A 101 38.84 22.48 -1.67
C LEU A 101 39.61 21.66 -2.69
N LYS A 102 38.98 21.37 -3.81
CA LYS A 102 39.46 20.41 -4.79
C LYS A 102 39.77 21.00 -6.15
N TYR A 103 39.01 21.98 -6.62
CA TYR A 103 39.26 22.55 -7.94
C TYR A 103 38.64 23.95 -8.02
N CYS A 104 39.04 24.70 -9.03
CA CYS A 104 38.51 26.02 -9.24
C CYS A 104 38.10 26.13 -10.70
N GLY A 105 37.09 26.94 -10.94
CA GLY A 105 36.71 27.27 -12.29
C GLY A 105 36.38 28.73 -12.39
N GLY A 106 37.04 29.44 -13.29
CA GLY A 106 36.76 30.87 -13.45
C GLY A 106 36.90 31.63 -12.15
N GLY A 107 37.92 31.31 -11.36
CA GLY A 107 38.14 32.03 -10.13
C GLY A 107 37.23 31.66 -8.98
N ASN A 108 36.38 30.65 -9.14
CA ASN A 108 35.56 30.17 -8.04
C ASN A 108 36.02 28.76 -7.70
N CYS A 109 36.30 28.51 -6.41
CA CYS A 109 36.81 27.21 -6.00
C CYS A 109 35.75 26.45 -5.20
N HIS A 110 35.81 25.14 -5.32
CA HIS A 110 34.76 24.24 -4.86
C HIS A 110 35.32 23.18 -3.94
N SER A 111 34.59 22.89 -2.87
CA SER A 111 35.01 21.86 -1.93
C SER A 111 34.05 20.67 -1.92
N LEU A 112 34.62 19.52 -1.67
CA LEU A 112 33.89 18.26 -1.62
C LEU A 112 34.16 17.51 -0.34
N LEU A 113 33.20 16.69 0.06
CA LEU A 113 33.38 15.78 1.18
C LEU A 113 34.15 14.58 0.64
N VAL A 114 35.39 14.43 1.05
CA VAL A 114 36.32 13.46 0.49
C VAL A 114 36.64 12.39 1.50
N ASP A 115 37.14 11.26 0.99
CA ASP A 115 37.46 10.12 1.80
C ASP A 115 38.68 10.44 2.64
N PRO A 116 38.86 9.76 3.79
CA PRO A 116 37.91 8.80 4.35
C PRO A 116 37.00 9.47 5.36
N TRP A 117 35.79 9.00 5.45
CA TRP A 117 34.93 9.50 6.48
C TRP A 117 35.27 8.81 7.79
N GLY A 118 34.79 9.40 8.87
CA GLY A 118 34.79 8.72 10.13
C GLY A 118 33.90 7.49 10.09
N GLN A 119 34.01 6.65 11.11
CA GLN A 119 33.24 5.40 11.17
C GLN A 119 31.78 5.63 11.54
N GLY A 120 31.41 6.82 11.96
CA GLY A 120 30.08 7.15 12.39
C GLY A 120 29.94 7.07 13.90
N THR A 121 29.01 7.86 14.43
CA THR A 121 28.61 7.81 15.83
C THR A 121 27.11 7.67 15.89
N LEU A 122 26.62 6.64 16.56
CA LEU A 122 25.18 6.50 16.72
C LEU A 122 24.70 7.36 17.88
N VAL A 123 23.73 8.21 17.63
CA VAL A 123 23.02 8.92 18.68
C VAL A 123 21.60 8.38 18.69
N THR A 124 21.18 7.85 19.83
CA THR A 124 19.83 7.29 20.00
C THR A 124 19.08 8.22 20.94
N VAL A 125 17.99 8.79 20.46
CA VAL A 125 17.19 9.70 21.28
C VAL A 125 16.00 8.92 21.81
N SER A 126 15.96 8.73 23.12
CA SER A 126 14.98 7.83 23.73
C SER A 126 14.94 8.08 25.22
N SER A 127 13.75 7.84 25.79
CA SER A 127 13.54 7.84 27.23
C SER A 127 13.62 6.44 27.82
N ALA A 128 13.76 5.42 26.97
CA ALA A 128 13.73 4.05 27.43
C ALA A 128 14.99 3.74 28.25
N SER A 129 14.82 2.85 29.24
CA SER A 129 15.95 2.30 30.00
C SER A 129 16.39 1.00 29.36
N THR A 130 17.62 0.60 29.67
CA THR A 130 18.15 -0.67 29.19
C THR A 130 17.28 -1.79 29.74
N LYS A 131 16.85 -2.70 28.86
CA LYS A 131 15.91 -3.73 29.21
C LYS A 131 16.12 -4.91 28.30
N GLY A 132 16.15 -6.10 28.88
CA GLY A 132 16.27 -7.31 28.11
C GLY A 132 14.93 -7.76 27.54
N PRO A 133 14.96 -8.63 26.55
CA PRO A 133 13.72 -9.03 25.86
C PRO A 133 12.95 -10.14 26.57
N SER A 134 11.69 -10.25 26.18
CA SER A 134 10.89 -11.45 26.37
C SER A 134 11.02 -12.24 25.09
N VAL A 135 11.03 -13.57 25.20
CA VAL A 135 11.20 -14.42 24.03
C VAL A 135 10.02 -15.38 23.96
N PHE A 136 9.31 -15.34 22.83
CA PHE A 136 8.14 -16.18 22.68
C PHE A 136 8.31 -17.09 21.48
N PRO A 137 7.74 -18.29 21.51
CA PRO A 137 7.86 -19.20 20.36
C PRO A 137 6.96 -18.81 19.19
N LEU A 138 7.49 -19.04 18.00
CA LEU A 138 6.70 -19.03 16.77
C LEU A 138 6.59 -20.51 16.40
N ALA A 139 5.54 -21.16 16.91
CA ALA A 139 5.49 -22.61 16.83
C ALA A 139 5.19 -23.06 15.40
N PRO A 140 5.83 -24.15 14.94
CA PRO A 140 5.50 -24.70 13.63
C PRO A 140 4.10 -25.27 13.59
N SER A 141 3.47 -25.18 12.42
CA SER A 141 2.22 -25.86 12.17
C SER A 141 2.45 -27.36 12.02
N GLY A 148 7.25 -32.01 3.34
CA GLY A 148 7.63 -30.71 2.84
C GLY A 148 8.52 -29.94 3.81
N THR A 149 8.32 -28.63 3.85
CA THR A 149 9.17 -27.71 4.61
C THR A 149 8.31 -26.94 5.60
N ALA A 150 8.73 -26.90 6.86
CA ALA A 150 8.04 -26.15 7.90
C ALA A 150 8.90 -24.98 8.36
N ALA A 151 8.23 -23.93 8.82
CA ALA A 151 8.90 -22.78 9.41
C ALA A 151 8.55 -22.69 10.90
N LEU A 152 9.53 -22.26 11.69
CA LEU A 152 9.34 -22.01 13.13
C LEU A 152 10.28 -20.87 13.51
N GLY A 153 10.11 -20.35 14.72
CA GLY A 153 10.92 -19.21 15.07
C GLY A 153 10.77 -18.77 16.50
N CYS A 154 11.41 -17.63 16.82
CA CYS A 154 11.29 -16.99 18.12
C CYS A 154 11.03 -15.51 17.89
N LEU A 155 10.05 -14.98 18.64
CA LEU A 155 9.78 -13.56 18.70
C LEU A 155 10.51 -12.98 19.90
N VAL A 156 11.38 -12.02 19.64
CA VAL A 156 12.25 -11.42 20.64
C VAL A 156 11.78 -9.98 20.83
N LYS A 157 11.01 -9.74 21.90
CA LYS A 157 10.19 -8.55 22.03
C LYS A 157 10.60 -7.69 23.21
N ASP A 158 10.56 -6.38 22.99
CA ASP A 158 10.53 -5.39 24.07
C ASP A 158 11.90 -5.24 24.76
N TYR A 159 12.94 -5.00 23.96
CA TYR A 159 14.27 -4.78 24.51
C TYR A 159 14.77 -3.40 24.12
N PHE A 160 15.79 -2.94 24.85
CA PHE A 160 16.46 -1.68 24.54
C PHE A 160 17.82 -1.68 25.19
N PRO A 161 18.87 -1.14 24.55
CA PRO A 161 18.93 -0.71 23.15
C PRO A 161 19.27 -1.89 22.25
N GLU A 162 19.46 -1.62 20.96
CA GLU A 162 19.99 -2.65 20.11
C GLU A 162 21.44 -2.93 20.50
N PRO A 163 21.96 -4.13 20.18
CA PRO A 163 21.30 -5.22 19.46
C PRO A 163 21.01 -6.43 20.32
N VAL A 164 20.24 -7.36 19.78
CA VAL A 164 20.22 -8.74 20.27
C VAL A 164 20.90 -9.61 19.23
N THR A 165 21.41 -10.76 19.67
CA THR A 165 21.79 -11.82 18.75
C THR A 165 20.94 -13.04 19.02
N VAL A 166 20.71 -13.82 17.97
CA VAL A 166 19.95 -15.05 18.07
C VAL A 166 20.74 -16.13 17.35
N SER A 167 20.91 -17.27 18.00
CA SER A 167 21.40 -18.47 17.35
C SER A 167 20.39 -19.59 17.56
N TRP A 168 20.57 -20.68 16.83
CA TRP A 168 19.67 -21.83 16.91
C TRP A 168 20.48 -23.08 17.25
N ASN A 169 19.98 -23.84 18.22
CA ASN A 169 20.61 -25.07 18.68
C ASN A 169 22.08 -24.82 19.01
N SER A 170 22.32 -23.70 19.69
CA SER A 170 23.66 -23.31 20.15
C SER A 170 24.66 -23.19 18.99
N GLY A 171 24.18 -22.77 17.82
CA GLY A 171 25.03 -22.61 16.64
C GLY A 171 25.06 -23.80 15.71
N ALA A 172 24.52 -24.95 16.12
CA ALA A 172 24.51 -26.14 15.29
C ALA A 172 23.56 -26.03 14.10
N LEU A 173 22.66 -25.05 14.10
CA LEU A 173 21.67 -24.89 13.04
C LEU A 173 21.79 -23.48 12.47
N THR A 174 22.25 -23.38 11.23
CA THR A 174 22.49 -22.10 10.58
C THR A 174 21.79 -22.01 9.23
N SER A 175 21.67 -23.12 8.51
CA SER A 175 21.07 -23.06 7.19
C SER A 175 19.55 -22.85 7.30
N GLY A 176 19.04 -21.99 6.44
CA GLY A 176 17.64 -21.64 6.44
C GLY A 176 17.22 -20.63 7.48
N VAL A 177 18.15 -20.09 8.26
CA VAL A 177 17.82 -19.11 9.28
C VAL A 177 17.70 -17.73 8.66
N HIS A 178 16.67 -16.99 9.06
CA HIS A 178 16.58 -15.57 8.79
C HIS A 178 16.28 -14.87 10.12
N THR A 179 17.18 -14.00 10.55
CA THR A 179 16.96 -13.15 11.70
C THR A 179 16.75 -11.74 11.18
N PHE A 180 15.57 -11.23 11.39
CA PHE A 180 15.16 -10.00 10.75
C PHE A 180 15.75 -8.81 11.47
N PRO A 181 15.95 -7.72 10.76
CA PRO A 181 16.28 -6.47 11.44
C PRO A 181 15.19 -6.10 12.44
N ALA A 182 15.60 -5.48 13.51
CA ALA A 182 14.67 -5.01 14.52
C ALA A 182 13.80 -3.88 13.99
N VAL A 183 12.63 -3.76 14.58
CA VAL A 183 11.75 -2.62 14.39
C VAL A 183 11.68 -1.88 15.71
N LEU A 184 11.56 -0.57 15.64
CA LEU A 184 11.27 0.24 16.81
C LEU A 184 9.76 0.34 16.96
N GLN A 185 9.25 -0.13 18.09
CA GLN A 185 7.82 -0.06 18.34
C GLN A 185 7.44 1.28 18.92
N SER A 186 6.14 1.60 18.87
CA SER A 186 5.64 2.85 19.43
C SER A 186 5.95 2.99 20.92
N SER A 187 6.13 1.87 21.63
CA SER A 187 6.51 1.90 23.04
C SER A 187 7.94 2.39 23.27
N GLY A 188 8.76 2.49 22.22
CA GLY A 188 10.15 2.85 22.34
C GLY A 188 11.07 1.65 22.52
N LEU A 189 10.53 0.45 22.57
CA LEU A 189 11.32 -0.76 22.66
C LEU A 189 11.40 -1.44 21.31
N TYR A 190 12.47 -2.20 21.10
CA TYR A 190 12.73 -2.90 19.85
C TYR A 190 12.13 -4.30 19.91
N SER A 191 11.91 -4.86 18.73
CA SER A 191 11.39 -6.21 18.59
C SER A 191 11.96 -6.78 17.31
N LEU A 192 12.18 -8.09 17.31
CA LEU A 192 12.63 -8.79 16.11
C LEU A 192 12.12 -10.22 16.18
N SER A 193 11.98 -10.86 15.02
CA SER A 193 11.82 -12.29 14.97
C SER A 193 12.99 -12.95 14.25
N SER A 194 13.26 -14.18 14.64
CA SER A 194 14.21 -15.04 13.96
C SER A 194 13.47 -16.30 13.60
N VAL A 195 13.59 -16.72 12.33
CA VAL A 195 12.88 -17.89 11.84
C VAL A 195 13.86 -18.85 11.18
N VAL A 196 13.41 -20.11 11.08
CA VAL A 196 14.19 -21.16 10.42
C VAL A 196 13.22 -22.11 9.76
N THR A 197 13.59 -22.59 8.57
CA THR A 197 12.79 -23.60 7.88
C THR A 197 13.48 -24.96 8.04
N VAL A 198 12.70 -25.99 8.35
CA VAL A 198 13.24 -27.32 8.61
C VAL A 198 12.36 -28.35 7.91
N PRO A 199 12.81 -29.60 7.77
CA PRO A 199 11.91 -30.62 7.23
C PRO A 199 10.76 -30.90 8.18
N SER A 200 9.54 -30.98 7.62
CA SER A 200 8.36 -31.30 8.42
C SER A 200 8.54 -32.61 9.18
N SER A 201 9.19 -33.60 8.58
CA SER A 201 9.35 -34.90 9.21
C SER A 201 10.22 -34.84 10.46
N SER A 202 11.07 -33.82 10.59
CA SER A 202 11.93 -33.74 11.76
C SER A 202 11.20 -33.20 12.99
N LEU A 203 10.03 -32.58 12.81
CA LEU A 203 9.31 -32.03 13.96
C LEU A 203 8.91 -33.15 14.90
N GLY A 204 8.95 -32.88 16.20
CA GLY A 204 8.56 -33.87 17.18
C GLY A 204 9.57 -34.95 17.49
N THR A 205 10.60 -35.14 16.66
CA THR A 205 11.77 -35.94 17.00
C THR A 205 12.98 -35.09 17.35
N GLN A 206 13.24 -34.06 16.55
CA GLN A 206 14.33 -33.13 16.82
C GLN A 206 13.84 -31.99 17.72
N THR A 207 14.82 -31.37 18.38
CA THR A 207 14.57 -30.30 19.32
C THR A 207 15.15 -29.01 18.74
N TYR A 208 14.33 -27.95 18.76
CA TYR A 208 14.74 -26.66 18.23
C TYR A 208 14.70 -25.62 19.34
N ILE A 209 15.83 -24.98 19.59
CA ILE A 209 15.96 -24.02 20.68
C ILE A 209 16.60 -22.76 20.11
N CYS A 210 16.00 -21.60 20.38
CA CYS A 210 16.64 -20.35 20.03
C CYS A 210 17.37 -19.81 21.24
N ASN A 211 18.57 -19.31 20.99
CA ASN A 211 19.44 -18.79 22.03
C ASN A 211 19.56 -17.29 21.79
N VAL A 212 19.01 -16.50 22.69
CA VAL A 212 18.90 -15.07 22.54
C VAL A 212 19.84 -14.43 23.55
N ASN A 213 20.68 -13.52 23.07
CA ASN A 213 21.60 -12.76 23.92
C ASN A 213 21.37 -11.27 23.73
N HIS A 214 21.19 -10.55 24.82
CA HIS A 214 21.10 -9.10 24.82
C HIS A 214 22.20 -8.59 25.73
N LYS A 215 23.34 -8.20 25.15
CA LYS A 215 24.49 -7.85 25.96
C LYS A 215 24.26 -6.60 26.84
N PRO A 216 23.59 -5.56 26.36
CA PRO A 216 23.42 -4.36 27.22
C PRO A 216 22.81 -4.64 28.59
N SER A 217 21.86 -5.57 28.68
CA SER A 217 21.23 -5.93 29.93
C SER A 217 21.79 -7.21 30.50
N ASN A 218 22.82 -7.77 29.86
CA ASN A 218 23.39 -9.08 30.20
C ASN A 218 22.29 -10.12 30.42
N THR A 219 21.38 -10.20 29.46
CA THR A 219 20.35 -11.23 29.50
C THR A 219 20.62 -12.28 28.43
N LYS A 220 20.48 -13.54 28.83
CA LYS A 220 20.55 -14.68 27.93
C LYS A 220 19.33 -15.53 28.20
N VAL A 221 18.60 -15.86 27.14
CA VAL A 221 17.39 -16.68 27.24
C VAL A 221 17.45 -17.76 26.18
N ASP A 222 17.14 -18.98 26.56
CA ASP A 222 16.97 -20.10 25.65
C ASP A 222 15.51 -20.49 25.64
N LYS A 223 14.93 -20.68 24.46
CA LYS A 223 13.53 -21.05 24.37
C LYS A 223 13.38 -22.20 23.39
N ARG A 224 12.88 -23.33 23.89
CA ARG A 224 12.56 -24.45 23.00
C ARG A 224 11.26 -24.15 22.26
N VAL A 225 11.25 -24.44 20.96
CA VAL A 225 10.13 -24.12 20.09
C VAL A 225 9.58 -25.44 19.58
N GLU A 226 8.37 -25.78 20.00
CA GLU A 226 7.77 -27.06 19.63
C GLU A 226 6.39 -26.86 19.06
N PRO A 227 5.85 -27.88 18.38
CA PRO A 227 4.45 -27.82 17.97
C PRO A 227 3.54 -27.74 19.18
N LYS A 228 2.45 -27.03 19.03
CA LYS A 228 1.49 -26.83 20.11
C LYS A 228 0.52 -28.00 20.15
N SER A 229 0.20 -28.45 21.36
CA SER A 229 -0.69 -29.60 21.57
C SER A 229 -2.12 -29.27 21.15
N ASP B 1 16.09 25.47 -0.76
CA ASP B 1 15.74 25.95 -2.12
C ASP B 1 16.02 24.88 -3.18
N ILE B 2 17.26 24.43 -3.32
CA ILE B 2 17.57 23.44 -4.35
C ILE B 2 17.19 22.06 -3.87
N VAL B 3 16.37 21.37 -4.66
CA VAL B 3 15.92 20.00 -4.35
C VAL B 3 16.49 19.05 -5.40
N MET B 4 17.23 18.05 -4.93
CA MET B 4 17.77 16.99 -5.79
C MET B 4 16.89 15.76 -5.71
N THR B 5 16.50 15.25 -6.86
CA THR B 5 15.74 14.01 -6.93
C THR B 5 16.51 13.00 -7.78
N GLN B 6 16.18 11.72 -7.63
CA GLN B 6 16.87 10.66 -8.35
C GLN B 6 15.86 9.67 -8.85
N SER B 7 16.19 9.08 -9.98
CA SER B 7 15.36 8.01 -10.51
C SER B 7 16.25 7.02 -11.22
N PRO B 8 15.89 5.75 -11.22
CA PRO B 8 14.78 5.15 -10.46
C PRO B 8 15.15 4.99 -9.00
N SER B 9 14.16 4.82 -8.11
CA SER B 9 14.49 4.59 -6.71
C SER B 9 15.21 3.27 -6.51
N THR B 10 14.90 2.28 -7.36
CA THR B 10 15.50 0.96 -7.29
C THR B 10 15.76 0.49 -8.71
N LEU B 11 16.80 -0.32 -8.85
CA LEU B 11 17.22 -0.89 -10.12
C LEU B 11 17.75 -2.28 -9.83
N SER B 12 17.32 -3.26 -10.61
CA SER B 12 17.82 -4.61 -10.53
C SER B 12 18.63 -4.88 -11.77
N ALA B 13 19.83 -5.40 -11.60
CA ALA B 13 20.70 -5.61 -12.75
C ALA B 13 21.62 -6.80 -12.51
N SER B 14 22.20 -7.29 -13.61
CA SER B 14 23.10 -8.43 -13.58
C SER B 14 24.54 -7.96 -13.68
N VAL B 15 25.46 -8.74 -13.10
CA VAL B 15 26.88 -8.49 -13.34
C VAL B 15 27.14 -8.48 -14.83
N GLY B 16 27.85 -7.47 -15.26
CA GLY B 16 28.19 -7.26 -16.65
C GLY B 16 27.27 -6.33 -17.38
N ASP B 17 26.16 -5.90 -16.77
CA ASP B 17 25.23 -5.01 -17.45
C ASP B 17 25.77 -3.59 -17.45
N ARG B 18 25.36 -2.83 -18.45
CA ARG B 18 25.56 -1.38 -18.49
C ARG B 18 24.39 -0.75 -17.76
N VAL B 19 24.68 0.00 -16.69
CA VAL B 19 23.67 0.59 -15.83
C VAL B 19 23.78 2.11 -15.90
N THR B 20 22.65 2.81 -15.99
CA THR B 20 22.63 4.27 -15.94
C THR B 20 21.52 4.70 -14.99
N ILE B 21 21.84 5.59 -14.09
CA ILE B 21 20.90 6.14 -13.12
C ILE B 21 20.94 7.66 -13.23
N SER B 22 19.85 8.30 -12.80
CA SER B 22 19.62 9.70 -13.12
C SER B 22 19.42 10.55 -11.88
N CYS B 23 19.80 11.80 -12.00
CA CYS B 23 19.66 12.77 -10.93
C CYS B 23 19.18 14.06 -11.55
N ARG B 24 18.22 14.71 -10.90
CA ARG B 24 17.65 15.95 -11.39
C ARG B 24 17.74 16.99 -10.29
N ALA B 25 18.13 18.22 -10.69
CA ALA B 25 18.09 19.38 -9.82
C ALA B 25 16.87 20.25 -10.11
N SER B 26 16.29 20.82 -9.07
CA SER B 26 15.07 21.60 -9.22
C SER B 26 15.33 22.95 -9.88
N GLN B 27 16.59 23.36 -9.98
CA GLN B 27 17.01 24.52 -10.75
C GLN B 27 18.41 24.22 -11.25
N SER B 28 18.87 25.03 -12.21
CA SER B 28 20.17 24.79 -12.82
C SER B 28 21.28 24.92 -11.79
N ILE B 29 22.16 23.91 -11.76
CA ILE B 29 23.33 23.88 -10.88
C ILE B 29 24.61 23.63 -11.67
N SER B 30 24.65 24.05 -12.94
CA SER B 30 25.87 24.00 -13.76
C SER B 30 26.47 22.58 -13.69
N SER B 31 27.74 22.45 -13.35
CA SER B 31 28.42 21.17 -13.18
C SER B 31 28.68 20.84 -11.70
N TRP B 32 27.95 21.49 -10.80
CA TRP B 32 28.23 21.40 -9.36
C TRP B 32 27.50 20.21 -8.75
N LEU B 33 27.93 19.03 -9.19
CA LEU B 33 27.25 17.79 -8.87
C LEU B 33 28.26 16.68 -8.66
N ALA B 34 28.04 15.91 -7.59
CA ALA B 34 28.89 14.79 -7.23
C ALA B 34 28.02 13.56 -7.05
N TRP B 35 28.67 12.40 -7.14
CA TRP B 35 28.03 11.13 -6.91
C TRP B 35 28.79 10.35 -5.85
N TYR B 36 28.04 9.73 -4.95
CA TYR B 36 28.54 8.92 -3.85
C TYR B 36 27.98 7.50 -3.91
N GLN B 37 28.78 6.52 -3.52
CA GLN B 37 28.34 5.14 -3.32
C GLN B 37 28.27 4.88 -1.82
N GLN B 38 27.26 4.13 -1.36
CA GLN B 38 27.19 3.70 0.04
C GLN B 38 26.71 2.27 0.13
N LYS B 39 27.46 1.48 0.88
CA LYS B 39 27.03 0.15 1.31
C LYS B 39 26.37 0.25 2.68
N PRO B 40 25.48 -0.67 3.01
CA PRO B 40 24.64 -0.50 4.21
C PRO B 40 25.46 -0.37 5.48
N GLY B 41 25.16 0.67 6.25
CA GLY B 41 25.81 0.92 7.53
C GLY B 41 27.27 1.32 7.45
N ARG B 42 27.76 1.76 6.29
CA ARG B 42 29.15 2.15 6.11
C ARG B 42 29.18 3.57 5.58
N ALA B 43 30.30 4.23 5.81
CA ALA B 43 30.42 5.57 5.29
C ALA B 43 30.40 5.54 3.76
N PRO B 44 29.81 6.54 3.14
CA PRO B 44 29.84 6.62 1.68
C PRO B 44 31.23 6.97 1.16
N LYS B 45 31.35 6.80 -0.15
CA LYS B 45 32.59 7.04 -0.90
C LYS B 45 32.30 7.92 -2.10
N LEU B 46 33.11 8.96 -2.29
CA LEU B 46 33.00 9.85 -3.44
C LEU B 46 33.46 9.15 -4.72
N LEU B 47 32.62 9.19 -5.74
CA LEU B 47 32.92 8.58 -7.04
C LEU B 47 33.28 9.63 -8.09
N ILE B 48 32.46 10.68 -8.22
CA ILE B 48 32.49 11.63 -9.32
C ILE B 48 32.23 13.00 -8.75
N TYR B 49 32.96 14.00 -9.25
CA TYR B 49 32.65 15.38 -8.93
C TYR B 49 32.71 16.19 -10.21
N LYS B 50 32.26 17.46 -10.12
CA LYS B 50 32.21 18.31 -11.32
C LYS B 50 31.42 17.64 -12.43
N ALA B 51 30.41 16.86 -12.03
CA ALA B 51 29.52 16.06 -12.88
C ALA B 51 30.17 14.89 -13.62
N SER B 52 31.41 15.03 -14.04
CA SER B 52 32.05 14.06 -14.92
C SER B 52 33.49 13.71 -14.55
N SER B 53 34.05 14.28 -13.47
CA SER B 53 35.42 14.00 -13.10
C SER B 53 35.48 12.82 -12.15
N LEU B 54 36.26 11.81 -12.52
CA LEU B 54 36.41 10.62 -11.68
C LEU B 54 37.32 10.95 -10.50
N GLU B 55 36.87 10.62 -9.30
CA GLU B 55 37.71 10.83 -8.13
C GLU B 55 38.88 9.84 -8.16
N THR B 56 39.98 10.27 -7.58
CA THR B 56 41.19 9.46 -7.62
C THR B 56 40.94 8.09 -6.98
N GLY B 57 41.42 7.03 -7.65
CA GLY B 57 41.30 5.66 -7.18
C GLY B 57 40.00 4.96 -7.53
N VAL B 58 39.03 5.67 -8.07
CA VAL B 58 37.76 5.06 -8.42
C VAL B 58 37.88 4.29 -9.72
N PRO B 59 37.32 3.08 -9.82
CA PRO B 59 37.45 2.31 -11.06
C PRO B 59 36.85 3.06 -12.25
N SER B 60 37.49 2.94 -13.41
CA SER B 60 37.06 3.71 -14.56
C SER B 60 35.76 3.24 -15.20
N ARG B 61 35.19 2.11 -14.77
CA ARG B 61 33.86 1.74 -15.24
C ARG B 61 32.79 2.74 -14.81
N PHE B 62 33.08 3.59 -13.83
CA PHE B 62 32.16 4.65 -13.45
C PHE B 62 32.41 5.89 -14.30
N SER B 63 31.33 6.54 -14.75
CA SER B 63 31.45 7.82 -15.43
C SER B 63 30.19 8.61 -15.12
N GLY B 64 30.29 9.92 -15.26
CA GLY B 64 29.15 10.77 -15.08
C GLY B 64 29.02 11.79 -16.22
N SER B 65 27.81 12.25 -16.42
CA SER B 65 27.54 13.17 -17.48
C SER B 65 26.43 14.11 -17.05
N GLY B 66 26.33 15.23 -17.75
CA GLY B 66 25.24 16.15 -17.55
C GLY B 66 25.69 17.52 -17.09
N SER B 67 24.75 18.45 -17.18
CA SER B 67 24.93 19.81 -16.73
C SER B 67 23.55 20.38 -16.50
N GLY B 68 23.49 21.41 -15.69
CA GLY B 68 22.27 22.17 -15.58
C GLY B 68 21.30 21.53 -14.60
N THR B 69 20.27 20.86 -15.11
CA THR B 69 19.32 20.18 -14.23
C THR B 69 19.33 18.67 -14.36
N GLU B 70 19.97 18.09 -15.36
CA GLU B 70 19.89 16.65 -15.59
C GLU B 70 21.29 16.04 -15.63
N PHE B 71 21.48 14.99 -14.83
CA PHE B 71 22.76 14.32 -14.65
C PHE B 71 22.56 12.83 -14.67
N THR B 72 23.61 12.10 -15.07
CA THR B 72 23.55 10.65 -15.05
C THR B 72 24.87 10.08 -14.56
N LEU B 73 24.76 8.95 -13.89
CA LEU B 73 25.89 8.10 -13.55
C LEU B 73 25.77 6.81 -14.33
N THR B 74 26.86 6.38 -14.97
CA THR B 74 26.87 5.15 -15.75
C THR B 74 27.96 4.22 -15.25
N ILE B 75 27.61 2.96 -15.07
CA ILE B 75 28.58 1.88 -14.81
C ILE B 75 28.63 1.05 -16.08
N SER B 76 29.79 1.00 -16.75
CA SER B 76 29.82 0.42 -18.08
C SER B 76 29.66 -1.11 -18.05
N SER B 77 30.07 -1.76 -16.94
CA SER B 77 29.93 -3.20 -16.74
C SER B 77 29.84 -3.39 -15.25
N LEU B 78 28.62 -3.62 -14.77
CA LEU B 78 28.37 -3.69 -13.34
C LEU B 78 29.14 -4.86 -12.75
N GLN B 79 29.82 -4.63 -11.64
CA GLN B 79 30.65 -5.65 -11.01
C GLN B 79 30.05 -6.04 -9.65
N PRO B 80 30.44 -7.19 -9.08
CA PRO B 80 29.87 -7.60 -7.79
C PRO B 80 29.98 -6.57 -6.68
N ASP B 81 31.06 -5.79 -6.66
CA ASP B 81 31.27 -4.78 -5.64
C ASP B 81 30.31 -3.60 -5.76
N ASP B 82 29.56 -3.52 -6.86
CA ASP B 82 28.81 -2.30 -7.19
C ASP B 82 27.37 -2.31 -6.70
N PHE B 83 26.88 -3.42 -6.14
CA PHE B 83 25.55 -3.45 -5.58
C PHE B 83 25.60 -2.62 -4.31
N ALA B 84 24.80 -1.57 -4.25
CA ALA B 84 24.97 -0.48 -3.30
C ALA B 84 23.85 0.53 -3.53
N THR B 85 23.77 1.56 -2.72
CA THR B 85 22.94 2.72 -3.00
C THR B 85 23.84 3.87 -3.47
N TYR B 86 23.37 4.59 -4.49
CA TYR B 86 24.12 5.69 -5.10
C TYR B 86 23.37 6.99 -4.85
N TYR B 87 24.06 8.02 -4.35
CA TYR B 87 23.45 9.30 -4.05
C TYR B 87 24.13 10.35 -4.90
N CYS B 88 23.35 11.22 -5.51
CA CYS B 88 23.94 12.43 -6.06
C CYS B 88 23.90 13.53 -5.02
N GLN B 89 24.68 14.57 -5.26
CA GLN B 89 24.85 15.64 -4.27
C GLN B 89 25.22 16.94 -4.96
N HIS B 90 24.45 17.98 -4.70
CA HIS B 90 24.83 19.33 -5.13
C HIS B 90 25.68 19.96 -4.04
N TYR B 91 26.76 20.63 -4.45
CA TYR B 91 27.65 21.33 -3.53
C TYR B 91 27.81 22.78 -3.95
N ASN B 92 27.85 23.67 -2.96
CA ASN B 92 28.21 25.06 -3.19
C ASN B 92 28.84 25.59 -1.90
N THR B 93 29.23 26.86 -1.90
CA THR B 93 29.98 27.37 -0.75
C THR B 93 29.18 27.34 0.54
N TYR B 94 27.86 27.33 0.46
CA TYR B 94 26.99 27.43 1.63
C TYR B 94 26.44 26.10 2.11
N LEU B 95 26.31 25.10 1.24
CA LEU B 95 25.63 23.89 1.65
C LEU B 95 26.04 22.72 0.77
N PHE B 96 25.73 21.55 1.26
CA PHE B 96 25.65 20.33 0.47
C PHE B 96 24.23 19.83 0.54
N THR B 97 23.70 19.25 -0.55
CA THR B 97 22.35 18.69 -0.51
C THR B 97 22.36 17.40 -1.32
N PHE B 98 21.99 16.30 -0.66
CA PHE B 98 21.98 14.98 -1.25
C PHE B 98 20.62 14.66 -1.87
N GLY B 99 20.66 13.95 -3.00
CA GLY B 99 19.50 13.28 -3.50
C GLY B 99 19.10 12.13 -2.59
N PRO B 100 17.97 11.50 -2.90
CA PRO B 100 17.41 10.48 -2.03
C PRO B 100 18.00 9.09 -2.22
N GLY B 101 18.76 8.87 -3.28
CA GLY B 101 19.44 7.60 -3.53
C GLY B 101 18.69 6.70 -4.50
N THR B 102 19.48 5.87 -5.20
CA THR B 102 19.03 4.75 -6.02
C THR B 102 19.72 3.49 -5.50
N LYS B 103 18.95 2.47 -5.13
CA LYS B 103 19.50 1.19 -4.68
C LYS B 103 19.55 0.23 -5.85
N VAL B 104 20.72 -0.33 -6.09
CA VAL B 104 20.95 -1.30 -7.16
C VAL B 104 21.11 -2.66 -6.53
N ASP B 105 20.20 -3.59 -6.86
CA ASP B 105 20.25 -4.95 -6.36
C ASP B 105 20.52 -5.92 -7.50
N LEU B 106 20.74 -7.19 -7.14
CA LEU B 106 21.16 -8.23 -8.07
C LEU B 106 19.94 -8.94 -8.63
N LYS B 107 19.81 -8.92 -9.95
CA LYS B 107 18.71 -9.59 -10.64
C LYS B 107 18.84 -11.10 -10.49
N ARG B 108 17.70 -11.76 -10.32
CA ARG B 108 17.58 -13.21 -10.47
C ARG B 108 16.18 -13.49 -10.99
N THR B 109 15.90 -14.76 -11.21
CA THR B 109 14.56 -15.13 -11.67
C THR B 109 13.52 -14.84 -10.59
N VAL B 110 12.30 -14.60 -11.05
CA VAL B 110 11.19 -14.41 -10.11
C VAL B 110 11.04 -15.63 -9.23
N ALA B 111 10.84 -15.39 -7.94
CA ALA B 111 10.58 -16.46 -6.98
C ALA B 111 9.46 -16.04 -6.05
N ALA B 112 8.36 -16.82 -6.03
CA ALA B 112 7.28 -16.49 -5.16
C ALA B 112 7.64 -16.76 -3.69
N PRO B 113 7.10 -15.99 -2.76
CA PRO B 113 7.35 -16.29 -1.35
C PRO B 113 6.63 -17.54 -0.91
N SER B 114 7.26 -18.26 0.02
CA SER B 114 6.56 -19.27 0.81
C SER B 114 6.03 -18.56 2.05
N VAL B 115 4.75 -18.74 2.35
CA VAL B 115 4.07 -17.94 3.36
C VAL B 115 3.73 -18.82 4.55
N PHE B 116 3.86 -18.25 5.74
CA PHE B 116 3.56 -18.92 6.99
C PHE B 116 2.92 -17.94 7.94
N ILE B 117 1.95 -18.39 8.73
CA ILE B 117 1.34 -17.55 9.77
C ILE B 117 1.54 -18.20 11.12
N PHE B 118 1.77 -17.39 12.14
CA PHE B 118 2.00 -17.83 13.50
C PHE B 118 1.06 -17.12 14.45
N PRO B 119 0.20 -17.83 15.15
CA PRO B 119 -0.62 -17.18 16.18
C PRO B 119 0.25 -16.72 17.34
N PRO B 120 -0.29 -15.87 18.20
CA PRO B 120 0.43 -15.56 19.43
C PRO B 120 0.56 -16.77 20.34
N SER B 121 1.67 -16.80 21.06
CA SER B 121 1.87 -17.84 22.06
C SER B 121 0.96 -17.63 23.26
N ASP B 122 0.60 -18.74 23.93
CA ASP B 122 -0.16 -18.62 25.17
C ASP B 122 0.61 -17.80 26.19
N GLU B 123 1.94 -17.93 26.22
CA GLU B 123 2.75 -17.21 27.19
C GLU B 123 2.65 -15.70 27.00
N GLN B 124 2.75 -15.22 25.74
CA GLN B 124 2.59 -13.79 25.51
C GLN B 124 1.20 -13.35 25.87
N LEU B 125 0.20 -14.14 25.51
CA LEU B 125 -1.17 -13.76 25.84
C LEU B 125 -1.36 -13.61 27.34
N LYS B 126 -0.66 -14.42 28.14
CA LYS B 126 -0.82 -14.29 29.59
C LYS B 126 -0.42 -12.90 30.08
N SER B 127 0.45 -12.19 29.35
CA SER B 127 0.89 -10.86 29.73
C SER B 127 0.10 -9.73 29.08
N GLY B 128 -0.88 -10.02 28.25
CA GLY B 128 -1.84 -9.01 27.83
C GLY B 128 -1.75 -8.53 26.39
N THR B 129 -0.84 -9.07 25.58
CA THR B 129 -0.66 -8.63 24.19
C THR B 129 -0.65 -9.85 23.30
N ALA B 130 -1.09 -9.65 22.04
CA ALA B 130 -1.04 -10.67 21.02
C ALA B 130 -0.26 -10.14 19.82
N SER B 131 0.87 -10.78 19.53
CA SER B 131 1.61 -10.58 18.30
C SER B 131 1.29 -11.73 17.35
N VAL B 132 0.81 -11.41 16.15
CA VAL B 132 0.55 -12.39 15.08
C VAL B 132 1.59 -12.12 14.01
N VAL B 133 2.30 -13.17 13.57
CA VAL B 133 3.42 -13.01 12.65
C VAL B 133 3.13 -13.71 11.33
N CYS B 134 3.36 -13.01 10.23
CA CYS B 134 3.30 -13.55 8.89
C CYS B 134 4.69 -13.49 8.28
N LEU B 135 5.17 -14.62 7.79
CA LEU B 135 6.50 -14.75 7.22
C LEU B 135 6.38 -14.99 5.72
N LEU B 136 7.10 -14.19 4.93
CA LEU B 136 7.26 -14.39 3.50
C LEU B 136 8.69 -14.82 3.29
N ASN B 137 8.92 -16.06 2.88
CA ASN B 137 10.28 -16.58 2.82
C ASN B 137 10.80 -16.70 1.38
N ASN B 138 12.01 -16.15 1.15
CA ASN B 138 12.82 -16.46 -0.03
C ASN B 138 12.15 -16.10 -1.36
N PHE B 139 11.88 -14.81 -1.55
CA PHE B 139 11.19 -14.32 -2.73
C PHE B 139 12.04 -13.31 -3.48
N TYR B 140 11.66 -13.11 -4.73
CA TYR B 140 12.29 -12.11 -5.58
C TYR B 140 11.33 -11.78 -6.70
N PRO B 141 11.17 -10.50 -7.10
CA PRO B 141 11.85 -9.32 -6.55
C PRO B 141 11.30 -8.87 -5.20
N ARG B 142 11.84 -7.75 -4.73
CA ARG B 142 11.57 -7.24 -3.40
C ARG B 142 10.12 -6.81 -3.20
N GLU B 143 9.46 -6.30 -4.24
CA GLU B 143 8.13 -5.72 -4.06
C GLU B 143 7.18 -6.82 -3.61
N ALA B 144 6.47 -6.57 -2.50
CA ALA B 144 5.54 -7.53 -1.93
C ALA B 144 4.53 -6.77 -1.10
N LYS B 145 3.29 -7.25 -1.08
CA LYS B 145 2.26 -6.60 -0.29
C LYS B 145 1.68 -7.61 0.68
N VAL B 146 1.62 -7.25 1.96
CA VAL B 146 0.99 -8.06 2.99
C VAL B 146 -0.21 -7.30 3.50
N GLN B 147 -1.36 -7.94 3.51
CA GLN B 147 -2.58 -7.38 4.06
C GLN B 147 -3.10 -8.32 5.14
N TRP B 148 -3.33 -7.77 6.32
CA TRP B 148 -3.90 -8.49 7.43
C TRP B 148 -5.42 -8.33 7.37
N LYS B 149 -6.12 -9.44 7.57
CA LYS B 149 -7.58 -9.43 7.61
C LYS B 149 -8.04 -10.15 8.88
N VAL B 150 -8.92 -9.51 9.62
CA VAL B 150 -9.43 -10.04 10.88
C VAL B 150 -10.94 -10.12 10.72
N ASP B 151 -11.48 -11.35 10.73
CA ASP B 151 -12.88 -11.56 10.35
C ASP B 151 -13.22 -10.77 9.08
N ASN B 152 -12.35 -10.90 8.09
CA ASN B 152 -12.45 -10.24 6.79
C ASN B 152 -12.15 -8.74 6.77
N ALA B 153 -12.11 -8.07 7.92
CA ALA B 153 -11.85 -6.62 7.93
C ALA B 153 -10.39 -6.34 7.68
N LEU B 154 -10.11 -5.48 6.72
CA LEU B 154 -8.74 -5.09 6.39
C LEU B 154 -8.15 -4.22 7.50
N GLN B 155 -6.99 -4.61 8.01
CA GLN B 155 -6.32 -3.87 9.06
C GLN B 155 -5.42 -2.79 8.49
N SER B 156 -5.31 -1.70 9.23
CA SER B 156 -4.36 -0.66 8.87
C SER B 156 -3.83 -0.03 10.15
N GLY B 157 -2.53 0.26 10.14
CA GLY B 157 -1.91 1.00 11.22
C GLY B 157 -1.39 0.19 12.37
N ASN B 158 -1.69 -1.12 12.43
CA ASN B 158 -1.36 -1.93 13.59
C ASN B 158 -0.37 -3.05 13.25
N SER B 159 0.40 -2.89 12.19
CA SER B 159 1.40 -3.87 11.79
C SER B 159 2.73 -3.16 11.45
N GLN B 160 3.81 -3.92 11.57
CA GLN B 160 5.13 -3.43 11.18
C GLN B 160 5.84 -4.54 10.40
N GLU B 161 6.56 -4.15 9.36
CA GLU B 161 7.30 -5.07 8.49
C GLU B 161 8.80 -4.88 8.67
N SER B 162 9.54 -5.97 8.47
CA SER B 162 11.01 -5.96 8.42
C SER B 162 11.47 -6.89 7.30
N VAL B 163 12.50 -6.51 6.58
CA VAL B 163 13.02 -7.28 5.45
C VAL B 163 14.50 -7.57 5.62
N THR B 164 14.93 -8.73 5.18
CA THR B 164 16.35 -9.05 5.17
C THR B 164 17.04 -8.39 3.98
N GLU B 165 18.35 -8.26 4.10
CA GLU B 165 19.14 -7.92 2.94
C GLU B 165 19.13 -9.07 1.93
N GLN B 166 19.36 -8.73 0.68
CA GLN B 166 19.39 -9.75 -0.34
C GLN B 166 20.36 -10.87 0.04
N ASP B 167 19.94 -12.12 -0.07
CA ASP B 167 20.76 -13.24 0.40
C ASP B 167 21.99 -13.45 -0.48
N SER B 168 23.14 -13.68 0.16
CA SER B 168 24.40 -13.82 -0.57
C SER B 168 24.53 -15.11 -1.36
N LYS B 169 23.67 -16.11 -1.09
CA LYS B 169 23.65 -17.37 -1.82
C LYS B 169 22.59 -17.41 -2.92
N ASP B 170 21.33 -17.12 -2.60
CA ASP B 170 20.26 -17.31 -3.56
C ASP B 170 19.59 -16.03 -4.00
N SER B 171 20.10 -14.87 -3.59
CA SER B 171 19.66 -13.58 -4.11
C SER B 171 18.22 -13.25 -3.77
N THR B 172 17.62 -13.91 -2.79
CA THR B 172 16.24 -13.65 -2.42
C THR B 172 16.18 -12.73 -1.21
N TYR B 173 14.95 -12.28 -0.96
CA TYR B 173 14.57 -11.54 0.23
C TYR B 173 13.63 -12.39 1.07
N SER B 174 13.59 -12.09 2.36
CA SER B 174 12.56 -12.60 3.24
C SER B 174 12.00 -11.44 4.05
N LEU B 175 10.75 -11.58 4.49
CA LEU B 175 10.05 -10.47 5.11
C LEU B 175 9.13 -11.01 6.20
N SER B 176 9.08 -10.30 7.31
CA SER B 176 8.13 -10.57 8.39
C SER B 176 7.19 -9.37 8.51
N SER B 177 5.91 -9.65 8.71
CA SER B 177 4.94 -8.64 9.12
C SER B 177 4.35 -9.11 10.44
N THR B 178 4.27 -8.19 11.40
CA THR B 178 3.80 -8.48 12.74
C THR B 178 2.59 -7.59 13.03
N LEU B 179 1.45 -8.21 13.33
CA LEU B 179 0.22 -7.53 13.72
C LEU B 179 0.17 -7.56 15.24
N THR B 180 0.02 -6.40 15.88
CA THR B 180 0.01 -6.32 17.33
C THR B 180 -1.35 -5.81 17.79
N LEU B 181 -1.98 -6.58 18.67
CA LEU B 181 -3.27 -6.24 19.28
C LEU B 181 -3.19 -6.46 20.78
N SER B 182 -3.99 -5.72 21.53
CA SER B 182 -4.18 -6.09 22.92
C SER B 182 -4.86 -7.45 23.03
N LYS B 183 -4.70 -8.11 24.17
CA LYS B 183 -5.41 -9.36 24.38
C LYS B 183 -6.90 -9.18 24.25
N ALA B 184 -7.46 -8.11 24.82
CA ALA B 184 -8.90 -7.89 24.74
C ALA B 184 -9.37 -7.72 23.29
N ASP B 185 -8.64 -6.96 22.47
CA ASP B 185 -9.03 -6.83 21.06
C ASP B 185 -8.85 -8.15 20.32
N TYR B 186 -7.78 -8.88 20.61
CA TYR B 186 -7.55 -10.16 19.96
C TYR B 186 -8.72 -11.11 20.19
N GLU B 187 -9.29 -11.08 21.39
CA GLU B 187 -10.36 -12.00 21.76
C GLU B 187 -11.72 -11.56 21.20
N LYS B 188 -11.81 -10.39 20.56
CA LYS B 188 -13.07 -9.96 19.96
C LYS B 188 -13.35 -10.58 18.58
N HIS B 189 -12.42 -11.34 18.01
CA HIS B 189 -12.58 -11.80 16.65
C HIS B 189 -11.97 -13.18 16.52
N LYS B 190 -12.32 -13.87 15.43
CA LYS B 190 -12.07 -15.29 15.28
C LYS B 190 -11.03 -15.59 14.22
N VAL B 191 -11.19 -15.08 13.00
CA VAL B 191 -10.37 -15.50 11.87
C VAL B 191 -9.27 -14.45 11.65
N TYR B 192 -8.01 -14.90 11.72
CA TYR B 192 -6.83 -14.07 11.51
C TYR B 192 -6.14 -14.56 10.25
N ALA B 193 -5.93 -13.66 9.29
CA ALA B 193 -5.39 -14.01 7.98
C ALA B 193 -4.36 -13.00 7.51
N CYS B 194 -3.32 -13.52 6.87
CA CYS B 194 -2.33 -12.75 6.14
C CYS B 194 -2.46 -13.07 4.66
N GLU B 195 -2.71 -12.07 3.85
CA GLU B 195 -2.83 -12.21 2.41
C GLU B 195 -1.64 -11.57 1.74
N VAL B 196 -0.93 -12.33 0.91
CA VAL B 196 0.31 -11.89 0.30
C VAL B 196 0.15 -11.79 -1.21
N THR B 197 0.51 -10.64 -1.74
CA THR B 197 0.50 -10.36 -3.17
C THR B 197 1.95 -10.17 -3.62
N HIS B 198 2.34 -10.93 -4.64
CA HIS B 198 3.68 -10.89 -5.17
C HIS B 198 3.59 -11.38 -6.60
N GLN B 199 4.40 -10.80 -7.49
CA GLN B 199 4.22 -11.10 -8.91
C GLN B 199 4.62 -12.51 -9.29
N GLY B 200 5.30 -13.24 -8.41
CA GLY B 200 5.49 -14.66 -8.59
C GLY B 200 4.25 -15.49 -8.34
N LEU B 201 3.19 -14.88 -7.81
CA LEU B 201 1.93 -15.57 -7.54
C LEU B 201 0.87 -15.02 -8.48
N SER B 202 0.21 -15.91 -9.23
CA SER B 202 -0.87 -15.45 -10.10
C SER B 202 -2.01 -14.86 -9.30
N SER B 203 -2.36 -15.51 -8.19
CA SER B 203 -3.33 -15.03 -7.25
C SER B 203 -2.67 -14.84 -5.90
N PRO B 204 -3.15 -13.92 -5.08
CA PRO B 204 -2.59 -13.77 -3.75
C PRO B 204 -2.77 -15.03 -2.93
N VAL B 205 -1.82 -15.29 -2.04
CA VAL B 205 -1.86 -16.45 -1.15
C VAL B 205 -2.25 -15.98 0.24
N THR B 206 -3.17 -16.69 0.88
CA THR B 206 -3.62 -16.32 2.22
C THR B 206 -3.35 -17.50 3.14
N LYS B 207 -2.74 -17.20 4.29
CA LYS B 207 -2.64 -18.16 5.38
C LYS B 207 -3.44 -17.60 6.54
N SER B 208 -4.18 -18.49 7.22
CA SER B 208 -5.11 -18.03 8.24
C SER B 208 -5.23 -19.08 9.35
N PHE B 209 -5.70 -18.63 10.49
CA PHE B 209 -6.08 -19.53 11.56
C PHE B 209 -7.32 -18.99 12.26
N ASN B 210 -8.00 -19.88 12.99
CA ASN B 210 -9.09 -19.51 13.88
C ASN B 210 -8.53 -19.43 15.30
N ARG B 211 -8.72 -18.29 15.95
CA ARG B 211 -8.24 -18.10 17.31
C ARG B 211 -8.72 -19.24 18.20
N GLY B 212 -7.79 -19.80 18.97
CA GLY B 212 -8.12 -20.82 19.95
C GLY B 212 -8.27 -22.24 19.41
N GLU B 213 -8.02 -22.47 18.12
CA GLU B 213 -8.12 -23.84 17.59
C GLU B 213 -6.74 -24.48 17.49
N GLN C 1 -43.16 -14.14 -15.72
CA GLN C 1 -42.83 -12.70 -15.91
C GLN C 1 -42.77 -11.95 -14.59
N VAL C 2 -42.35 -12.64 -13.53
CA VAL C 2 -42.22 -12.01 -12.23
C VAL C 2 -41.22 -10.88 -12.29
N GLN C 3 -41.53 -9.78 -11.63
CA GLN C 3 -40.49 -8.80 -11.36
C GLN C 3 -40.72 -8.18 -10.00
N LEU C 4 -39.62 -7.68 -9.45
CA LEU C 4 -39.60 -6.96 -8.19
C LEU C 4 -39.18 -5.54 -8.48
N VAL C 5 -40.04 -4.59 -8.13
CA VAL C 5 -39.80 -3.19 -8.40
C VAL C 5 -39.65 -2.46 -7.08
N GLN C 6 -38.53 -1.77 -6.93
CA GLN C 6 -38.25 -1.05 -5.72
C GLN C 6 -38.51 0.45 -5.87
N SER C 7 -38.68 1.12 -4.73
CA SER C 7 -38.80 2.56 -4.67
C SER C 7 -37.46 3.22 -5.03
N GLY C 8 -37.53 4.53 -5.28
CA GLY C 8 -36.41 5.29 -5.82
C GLY C 8 -35.38 5.71 -4.76
N ALA C 9 -34.33 6.34 -5.26
CA ALA C 9 -33.20 6.70 -4.42
C ALA C 9 -33.62 7.69 -3.34
N GLU C 10 -32.91 7.65 -2.21
CA GLU C 10 -33.24 8.43 -1.02
C GLU C 10 -31.96 9.04 -0.50
N VAL C 11 -32.04 10.28 -0.03
CA VAL C 11 -30.91 10.98 0.58
C VAL C 11 -31.37 11.43 1.96
N LYS C 12 -30.66 11.00 3.00
CA LYS C 12 -31.10 11.18 4.37
C LYS C 12 -29.96 11.70 5.23
N LYS C 13 -30.32 12.34 6.32
CA LYS C 13 -29.35 12.83 7.28
C LYS C 13 -29.11 11.78 8.36
N PRO C 14 -27.93 11.73 8.96
CA PRO C 14 -27.70 10.76 10.04
C PRO C 14 -28.71 10.95 11.16
N GLY C 15 -29.15 9.83 11.73
CA GLY C 15 -30.16 9.83 12.77
C GLY C 15 -31.58 9.70 12.28
N SER C 16 -31.83 9.92 10.99
CA SER C 16 -33.16 9.86 10.43
C SER C 16 -33.49 8.41 10.07
N SER C 17 -34.57 8.21 9.34
CA SER C 17 -35.02 6.89 8.94
C SER C 17 -35.39 6.92 7.47
N VAL C 18 -35.38 5.75 6.84
CA VAL C 18 -35.76 5.56 5.45
C VAL C 18 -36.65 4.34 5.38
N LYS C 19 -37.65 4.38 4.50
CA LYS C 19 -38.56 3.25 4.30
C LYS C 19 -38.57 2.90 2.82
N VAL C 20 -37.96 1.77 2.48
CA VAL C 20 -37.82 1.36 1.09
C VAL C 20 -38.82 0.26 0.82
N SER C 21 -39.37 0.25 -0.38
CA SER C 21 -40.40 -0.71 -0.76
C SER C 21 -39.91 -1.67 -1.84
N CYS C 22 -40.51 -2.86 -1.87
CA CYS C 22 -40.30 -3.85 -2.91
C CYS C 22 -41.65 -4.45 -3.27
N THR C 23 -42.08 -4.28 -4.51
CA THR C 23 -43.38 -4.75 -4.96
C THR C 23 -43.21 -5.86 -5.97
N THR C 24 -43.88 -6.98 -5.73
CA THR C 24 -43.84 -8.09 -6.65
C THR C 24 -45.00 -8.01 -7.62
N SER C 25 -44.76 -8.45 -8.86
CA SER C 25 -45.81 -8.52 -9.86
C SER C 25 -45.55 -9.73 -10.72
N GLY C 26 -46.65 -10.37 -11.16
CA GLY C 26 -46.58 -11.58 -11.97
C GLY C 26 -46.16 -12.79 -11.18
N GLY C 27 -46.59 -13.98 -11.61
CA GLY C 27 -46.04 -15.22 -11.08
C GLY C 27 -47.02 -16.14 -10.37
N THR C 28 -46.66 -17.43 -10.36
CA THR C 28 -47.43 -18.51 -9.73
C THR C 28 -48.23 -18.02 -8.53
N TYR C 29 -47.54 -17.40 -7.58
CA TYR C 29 -48.13 -17.02 -6.30
C TYR C 29 -48.17 -15.52 -6.17
N ILE C 30 -49.09 -15.05 -5.33
CA ILE C 30 -49.28 -13.62 -5.17
C ILE C 30 -48.36 -13.04 -4.10
N ASN C 31 -48.01 -13.80 -3.07
CA ASN C 31 -47.28 -13.25 -1.94
C ASN C 31 -46.04 -14.07 -1.63
N TYR C 32 -44.91 -13.39 -1.61
CA TYR C 32 -43.63 -14.03 -1.31
C TYR C 32 -43.02 -13.39 -0.08
N ALA C 33 -42.14 -14.14 0.57
CA ALA C 33 -41.30 -13.59 1.63
C ALA C 33 -40.16 -12.84 0.95
N ILE C 34 -39.89 -11.62 1.39
CA ILE C 34 -38.88 -10.77 0.74
C ILE C 34 -37.76 -10.50 1.73
N SER C 35 -36.52 -10.55 1.22
CA SER C 35 -35.32 -10.19 1.96
C SER C 35 -34.63 -9.02 1.29
N TRP C 36 -33.79 -8.35 2.09
CA TRP C 36 -33.02 -7.18 1.72
C TRP C 36 -31.54 -7.45 1.90
N VAL C 37 -30.75 -7.17 0.85
CA VAL C 37 -29.30 -7.32 0.85
C VAL C 37 -28.75 -6.00 0.33
N ARG C 38 -27.73 -5.48 1.01
CA ARG C 38 -27.17 -4.19 0.61
C ARG C 38 -25.74 -4.37 0.16
N GLN C 39 -25.24 -3.36 -0.54
CA GLN C 39 -23.86 -3.33 -0.98
C GLN C 39 -23.38 -1.88 -0.92
N ALA C 40 -22.50 -1.61 0.04
CA ALA C 40 -21.90 -0.30 0.13
C ALA C 40 -20.94 -0.11 -1.03
N PRO C 41 -20.63 1.14 -1.37
CA PRO C 41 -19.80 1.39 -2.55
C PRO C 41 -18.47 0.66 -2.46
N GLY C 42 -18.20 -0.11 -3.51
CA GLY C 42 -16.98 -0.88 -3.60
C GLY C 42 -16.86 -2.08 -2.68
N GLN C 43 -17.91 -2.45 -1.93
CA GLN C 43 -17.82 -3.49 -0.93
C GLN C 43 -18.63 -4.72 -1.37
N GLY C 44 -18.73 -5.71 -0.47
CA GLY C 44 -19.41 -6.94 -0.77
C GLY C 44 -20.87 -6.86 -0.40
N LEU C 45 -21.53 -8.01 -0.53
CA LEU C 45 -22.93 -8.11 -0.20
C LEU C 45 -23.11 -8.32 1.32
N GLU C 46 -24.12 -7.66 1.88
CA GLU C 46 -24.42 -7.77 3.30
C GLU C 46 -25.93 -7.94 3.49
N TRP C 47 -26.34 -9.10 4.02
CA TRP C 47 -27.75 -9.32 4.30
C TRP C 47 -28.22 -8.44 5.45
N VAL C 48 -29.40 -7.83 5.27
CA VAL C 48 -29.96 -6.91 6.26
C VAL C 48 -31.06 -7.60 7.07
N GLY C 49 -32.04 -8.17 6.39
CA GLY C 49 -33.20 -8.75 7.06
C GLY C 49 -34.27 -9.06 6.04
N GLY C 50 -35.25 -9.85 6.47
CA GLY C 50 -36.38 -10.11 5.59
C GLY C 50 -37.51 -10.75 6.37
N MET C 51 -38.58 -11.05 5.64
CA MET C 51 -39.64 -11.88 6.20
C MET C 51 -39.22 -13.34 6.06
N SER C 52 -39.42 -14.11 7.12
CA SER C 52 -39.12 -15.54 7.04
C SER C 52 -40.25 -16.26 6.30
N PRO C 53 -39.94 -17.10 5.31
CA PRO C 53 -41.00 -17.87 4.65
C PRO C 53 -41.53 -19.01 5.51
N ILE C 54 -40.93 -19.29 6.66
CA ILE C 54 -41.40 -20.34 7.58
C ILE C 54 -42.39 -19.72 8.55
N SER C 55 -41.95 -18.72 9.32
CA SER C 55 -42.80 -18.11 10.34
C SER C 55 -43.64 -16.95 9.83
N ASN C 56 -43.35 -16.41 8.64
CA ASN C 56 -44.00 -15.20 8.17
C ASN C 56 -43.91 -14.09 9.22
N THR C 57 -42.76 -13.99 9.86
CA THR C 57 -42.40 -12.91 10.76
C THR C 57 -40.99 -12.48 10.38
N PRO C 58 -40.56 -11.31 10.82
CA PRO C 58 -39.24 -10.81 10.36
C PRO C 58 -38.06 -11.47 11.06
N LYS C 59 -36.98 -11.57 10.30
CA LYS C 59 -35.68 -11.99 10.80
C LYS C 59 -34.67 -10.95 10.34
N TYR C 60 -33.79 -10.55 11.25
CA TYR C 60 -32.87 -9.45 11.03
C TYR C 60 -31.45 -9.87 11.35
N ALA C 61 -30.49 -9.33 10.61
CA ALA C 61 -29.09 -9.54 10.97
C ALA C 61 -28.80 -8.83 12.29
N GLN C 62 -28.03 -9.50 13.18
CA GLN C 62 -27.81 -8.98 14.52
C GLN C 62 -27.35 -7.52 14.51
N LYS C 63 -26.51 -7.17 13.53
CA LYS C 63 -25.98 -5.82 13.43
C LYS C 63 -27.07 -4.76 13.38
N PHE C 64 -28.25 -5.10 12.85
CA PHE C 64 -29.32 -4.12 12.68
C PHE C 64 -30.46 -4.27 13.68
N GLN C 65 -30.51 -5.36 14.45
CA GLN C 65 -31.58 -5.53 15.41
C GLN C 65 -31.70 -4.30 16.29
N GLY C 66 -32.91 -3.78 16.41
CA GLY C 66 -33.18 -2.59 17.19
C GLY C 66 -33.45 -1.37 16.37
N ARG C 67 -33.01 -1.35 15.10
CA ARG C 67 -33.26 -0.19 14.26
C ARG C 67 -33.71 -0.57 12.86
N VAL C 68 -34.25 -1.77 12.66
CA VAL C 68 -34.82 -2.15 11.37
C VAL C 68 -36.16 -2.83 11.60
N THR C 69 -37.15 -2.45 10.81
CA THR C 69 -38.47 -3.03 10.86
C THR C 69 -38.88 -3.39 9.45
N ILE C 70 -39.19 -4.65 9.24
CA ILE C 70 -39.69 -5.13 7.97
C ILE C 70 -41.16 -5.48 8.13
N THR C 71 -41.98 -4.99 7.21
CA THR C 71 -43.41 -5.24 7.18
C THR C 71 -43.84 -5.62 5.78
N ALA C 72 -45.01 -6.23 5.67
CA ALA C 72 -45.51 -6.65 4.37
C ALA C 72 -47.02 -6.45 4.29
N ASP C 73 -47.46 -5.90 3.17
CA ASP C 73 -48.87 -5.69 2.83
C ASP C 73 -49.22 -6.63 1.68
N GLU C 74 -49.97 -7.68 1.99
CA GLU C 74 -50.36 -8.65 0.98
C GLU C 74 -51.22 -8.00 -0.11
N SER C 75 -52.09 -7.05 0.26
CA SER C 75 -53.01 -6.48 -0.71
C SER C 75 -52.31 -5.81 -1.88
N THR C 76 -51.13 -5.25 -1.66
CA THR C 76 -50.37 -4.59 -2.71
C THR C 76 -49.11 -5.37 -3.08
N SER C 77 -48.97 -6.58 -2.55
CA SER C 77 -47.79 -7.42 -2.78
C SER C 77 -46.50 -6.66 -2.53
N THR C 78 -46.46 -5.89 -1.43
CA THR C 78 -45.33 -5.01 -1.14
C THR C 78 -44.74 -5.31 0.22
N THR C 79 -43.43 -5.37 0.28
CA THR C 79 -42.68 -5.50 1.52
C THR C 79 -41.86 -4.22 1.71
N TYR C 80 -41.79 -3.74 2.95
CA TYR C 80 -41.07 -2.53 3.28
C TYR C 80 -39.95 -2.85 4.26
N MET C 81 -38.85 -2.15 4.08
CA MET C 81 -37.73 -2.14 5.02
C MET C 81 -37.59 -0.72 5.53
N GLU C 82 -37.80 -0.53 6.82
CA GLU C 82 -37.58 0.75 7.47
C GLU C 82 -36.34 0.66 8.33
N LEU C 83 -35.33 1.42 7.96
CA LEU C 83 -34.07 1.43 8.68
C LEU C 83 -33.93 2.79 9.35
N SER C 84 -33.81 2.78 10.69
CA SER C 84 -33.79 3.99 11.50
C SER C 84 -32.40 4.21 12.08
N SER C 85 -32.26 5.34 12.77
CA SER C 85 -30.98 5.82 13.32
C SER C 85 -29.86 5.68 12.29
N LEU C 86 -30.12 6.26 11.11
CA LEU C 86 -29.23 6.01 9.98
C LEU C 86 -27.84 6.56 10.27
N ARG C 87 -26.83 5.83 9.80
CA ARG C 87 -25.45 6.28 9.93
C ARG C 87 -24.83 6.37 8.55
N PRO C 88 -23.73 7.13 8.39
CA PRO C 88 -23.10 7.22 7.07
C PRO C 88 -22.78 5.89 6.43
N GLU C 89 -22.33 4.89 7.20
CA GLU C 89 -21.98 3.58 6.67
C GLU C 89 -23.20 2.78 6.21
N ASP C 90 -24.44 3.28 6.40
CA ASP C 90 -25.63 2.70 5.83
C ASP C 90 -25.80 3.09 4.37
N THR C 91 -24.94 3.99 3.88
CA THR C 91 -24.96 4.37 2.47
C THR C 91 -24.64 3.15 1.61
N ALA C 92 -25.54 2.79 0.71
CA ALA C 92 -25.42 1.53 0.01
C ALA C 92 -26.57 1.44 -0.98
N VAL C 93 -26.40 0.55 -1.96
CA VAL C 93 -27.52 0.06 -2.76
C VAL C 93 -28.19 -1.10 -2.02
N TYR C 94 -29.50 -1.00 -1.83
CA TYR C 94 -30.30 -2.02 -1.14
C TYR C 94 -31.10 -2.76 -2.20
N TYR C 95 -30.96 -4.07 -2.24
CA TYR C 95 -31.68 -4.92 -3.17
C TYR C 95 -32.67 -5.77 -2.40
N CYS C 96 -33.77 -6.09 -3.05
CA CYS C 96 -34.70 -7.05 -2.49
C CYS C 96 -34.67 -8.32 -3.34
N ALA C 97 -35.07 -9.42 -2.72
CA ALA C 97 -35.14 -10.70 -3.41
C ALA C 97 -36.14 -11.58 -2.66
N ARG C 98 -36.76 -12.48 -3.40
CA ARG C 98 -37.63 -13.47 -2.78
C ARG C 98 -36.81 -14.52 -2.04
N ASP C 99 -37.30 -14.91 -0.87
CA ASP C 99 -36.70 -15.90 0.01
C ASP C 99 -37.62 -17.10 -0.04
N LEU C 100 -37.22 -18.10 -0.81
CA LEU C 100 -38.11 -19.18 -1.21
C LEU C 100 -37.64 -20.50 -0.61
N LEU C 101 -38.55 -21.24 0.05
CA LEU C 101 -38.24 -22.59 0.52
C LEU C 101 -38.02 -23.49 -0.69
N LYS C 102 -36.88 -24.15 -0.72
CA LYS C 102 -36.46 -24.92 -1.87
C LYS C 102 -36.35 -26.41 -1.64
N TYR C 103 -35.90 -26.85 -0.47
CA TYR C 103 -35.69 -28.28 -0.24
C TYR C 103 -35.72 -28.54 1.26
N CYS C 104 -35.94 -29.82 1.61
CA CYS C 104 -35.88 -30.25 2.99
C CYS C 104 -34.94 -31.43 3.10
N GLY C 105 -34.32 -31.56 4.26
CA GLY C 105 -33.46 -32.68 4.54
C GLY C 105 -33.61 -33.08 5.99
N GLY C 106 -33.88 -34.36 6.24
CA GLY C 106 -34.07 -34.82 7.59
C GLY C 106 -35.07 -33.99 8.37
N GLY C 107 -36.10 -33.49 7.69
CA GLY C 107 -37.13 -32.72 8.36
C GLY C 107 -36.83 -31.25 8.54
N ASN C 108 -35.69 -30.77 8.04
CA ASN C 108 -35.34 -29.35 8.11
C ASN C 108 -35.40 -28.79 6.71
N CYS C 109 -36.20 -27.75 6.53
CA CYS C 109 -36.36 -27.13 5.22
C CYS C 109 -35.61 -25.82 5.16
N HIS C 110 -35.13 -25.50 3.97
CA HIS C 110 -34.20 -24.41 3.75
C HIS C 110 -34.67 -23.49 2.65
N SER C 111 -34.49 -22.19 2.86
CA SER C 111 -34.90 -21.18 1.89
C SER C 111 -33.70 -20.43 1.35
N LEU C 112 -33.83 -20.04 0.09
CA LEU C 112 -32.77 -19.32 -0.61
C LEU C 112 -33.30 -18.05 -1.24
N LEU C 113 -32.40 -17.08 -1.36
CA LEU C 113 -32.68 -15.86 -2.12
C LEU C 113 -32.56 -16.19 -3.60
N VAL C 114 -33.70 -16.12 -4.28
CA VAL C 114 -33.80 -16.56 -5.66
C VAL C 114 -34.09 -15.41 -6.60
N ASP C 115 -33.85 -15.68 -7.88
CA ASP C 115 -34.03 -14.67 -8.91
C ASP C 115 -35.52 -14.44 -9.11
N PRO C 116 -35.90 -13.26 -9.65
CA PRO C 116 -35.04 -12.14 -9.96
C PRO C 116 -35.02 -11.17 -8.79
N TRP C 117 -33.92 -10.49 -8.57
CA TRP C 117 -33.87 -9.47 -7.54
C TRP C 117 -34.48 -8.17 -8.08
N GLY C 118 -34.79 -7.29 -7.15
CA GLY C 118 -35.15 -5.95 -7.50
C GLY C 118 -33.98 -5.24 -8.14
N GLN C 119 -34.26 -4.03 -8.63
CA GLN C 119 -33.29 -3.25 -9.37
C GLN C 119 -32.32 -2.50 -8.46
N GLY C 120 -32.55 -2.49 -7.16
CA GLY C 120 -31.75 -1.73 -6.22
C GLY C 120 -32.28 -0.34 -5.96
N THR C 121 -32.07 0.13 -4.74
CA THR C 121 -32.41 1.46 -4.28
C THR C 121 -31.16 2.03 -3.63
N LEU C 122 -30.68 3.16 -4.11
CA LEU C 122 -29.54 3.82 -3.48
C LEU C 122 -30.03 4.68 -2.32
N VAL C 123 -29.50 4.41 -1.14
CA VAL C 123 -29.74 5.22 0.05
C VAL C 123 -28.43 5.89 0.42
N THR C 124 -28.42 7.22 0.47
CA THR C 124 -27.26 7.99 0.89
C THR C 124 -27.60 8.58 2.25
N VAL C 125 -26.69 8.40 3.21
CA VAL C 125 -26.84 8.97 4.54
C VAL C 125 -25.64 9.87 4.77
N SER C 126 -25.89 11.17 4.97
CA SER C 126 -24.79 12.12 5.09
C SER C 126 -25.31 13.39 5.72
N SER C 127 -24.41 14.12 6.42
CA SER C 127 -24.70 15.47 6.90
C SER C 127 -24.61 16.51 5.80
N ALA C 128 -24.03 16.17 4.67
CA ALA C 128 -23.81 17.11 3.60
C ALA C 128 -25.13 17.61 3.01
N SER C 129 -25.05 18.80 2.42
CA SER C 129 -26.15 19.40 1.67
C SER C 129 -25.86 19.31 0.18
N THR C 130 -26.90 19.35 -0.63
CA THR C 130 -26.77 19.29 -2.08
C THR C 130 -25.83 20.38 -2.56
N LYS C 131 -24.91 20.00 -3.43
CA LYS C 131 -23.89 20.92 -3.92
C LYS C 131 -23.43 20.41 -5.28
N GLY C 132 -23.46 21.27 -6.29
CA GLY C 132 -22.98 20.93 -7.60
C GLY C 132 -21.47 20.99 -7.63
N PRO C 133 -20.84 20.29 -8.57
CA PRO C 133 -19.38 20.21 -8.56
C PRO C 133 -18.71 21.46 -9.11
N SER C 134 -17.48 21.66 -8.65
CA SER C 134 -16.55 22.53 -9.34
C SER C 134 -15.76 21.66 -10.30
N VAL C 135 -15.53 22.15 -11.51
CA VAL C 135 -14.88 21.39 -12.57
C VAL C 135 -13.59 22.10 -12.94
N PHE C 136 -12.46 21.41 -12.77
CA PHE C 136 -11.15 21.98 -13.03
C PHE C 136 -10.47 21.20 -14.14
N PRO C 137 -9.69 21.87 -14.97
CA PRO C 137 -8.96 21.16 -16.02
C PRO C 137 -7.76 20.39 -15.49
N LEU C 138 -7.53 19.24 -16.12
CA LEU C 138 -6.29 18.49 -16.04
C LEU C 138 -5.63 18.72 -17.40
N ALA C 139 -4.80 19.79 -17.48
CA ALA C 139 -4.35 20.27 -18.77
C ALA C 139 -3.28 19.32 -19.34
N PRO C 140 -3.29 19.08 -20.64
CA PRO C 140 -2.25 18.25 -21.24
C PRO C 140 -0.87 18.87 -21.07
N SER C 141 0.10 18.01 -20.78
CA SER C 141 1.47 18.42 -20.49
C SER C 141 2.14 19.05 -21.71
N SER C 142 2.96 20.06 -21.46
CA SER C 142 3.73 20.74 -22.50
C SER C 142 4.96 19.97 -22.94
N LYS C 143 5.14 18.73 -22.49
CA LYS C 143 6.25 17.89 -22.92
C LYS C 143 5.77 16.56 -23.48
N SER C 144 4.52 16.53 -23.96
CA SER C 144 3.92 15.29 -24.46
C SER C 144 4.81 14.65 -25.51
N THR C 145 4.86 13.31 -25.47
CA THR C 145 5.81 12.51 -26.24
C THR C 145 5.83 12.87 -27.74
N SER C 146 6.84 12.37 -28.45
CA SER C 146 7.20 12.83 -29.79
C SER C 146 6.14 12.38 -30.80
N GLY C 147 5.32 13.32 -31.26
CA GLY C 147 4.21 12.94 -32.14
C GLY C 147 3.48 11.73 -31.61
N GLY C 148 3.36 11.64 -30.28
CA GLY C 148 2.80 10.48 -29.64
C GLY C 148 1.46 10.77 -29.01
N THR C 149 1.24 10.23 -27.80
CA THR C 149 -0.04 10.36 -27.12
C THR C 149 0.07 11.28 -25.91
N ALA C 150 -0.93 12.14 -25.73
CA ALA C 150 -1.01 13.00 -24.56
C ALA C 150 -2.25 12.62 -23.77
N ALA C 151 -2.27 13.05 -22.51
CA ALA C 151 -3.43 12.85 -21.66
C ALA C 151 -3.93 14.18 -21.11
N LEU C 152 -5.25 14.32 -21.04
CA LEU C 152 -5.88 15.48 -20.42
C LEU C 152 -7.14 15.00 -19.74
N GLY C 153 -7.81 15.89 -19.00
CA GLY C 153 -8.96 15.44 -18.25
C GLY C 153 -9.65 16.58 -17.54
N CYS C 154 -10.66 16.22 -16.75
CA CYS C 154 -11.36 17.15 -15.87
C CYS C 154 -11.45 16.54 -14.48
N LEU C 155 -11.18 17.36 -13.48
CA LEU C 155 -11.35 17.01 -12.07
C LEU C 155 -12.68 17.59 -11.63
N VAL C 156 -13.60 16.72 -11.23
CA VAL C 156 -14.97 17.07 -10.87
C VAL C 156 -15.05 16.99 -9.35
N LYS C 157 -14.92 18.13 -8.68
CA LYS C 157 -14.65 18.12 -7.25
C LYS C 157 -15.80 18.69 -6.44
N ASP C 158 -15.98 18.11 -5.27
CA ASP C 158 -16.79 18.70 -4.21
C ASP C 158 -18.26 18.78 -4.56
N TYR C 159 -18.87 17.65 -4.85
CA TYR C 159 -20.30 17.61 -5.11
C TYR C 159 -21.01 16.66 -4.16
N PHE C 160 -22.33 16.86 -4.04
CA PHE C 160 -23.09 15.94 -3.20
C PHE C 160 -24.54 16.02 -3.64
N PRO C 161 -25.28 14.89 -3.71
CA PRO C 161 -24.87 13.49 -3.60
C PRO C 161 -24.42 12.94 -4.96
N GLU C 162 -24.11 11.64 -4.99
CA GLU C 162 -23.97 10.96 -6.25
C GLU C 162 -25.33 10.95 -6.95
N PRO C 163 -25.35 10.86 -8.27
CA PRO C 163 -24.23 10.70 -9.18
C PRO C 163 -23.94 11.95 -10.01
N VAL C 164 -22.80 11.98 -10.68
CA VAL C 164 -22.56 12.88 -11.81
C VAL C 164 -22.40 12.04 -13.06
N THR C 165 -22.66 12.66 -14.20
CA THR C 165 -22.37 12.06 -15.48
C THR C 165 -21.38 12.96 -16.20
N VAL C 166 -20.42 12.34 -16.87
CA VAL C 166 -19.39 13.06 -17.57
C VAL C 166 -19.37 12.58 -19.01
N SER C 167 -19.37 13.51 -19.94
CA SER C 167 -19.07 13.20 -21.33
C SER C 167 -18.00 14.14 -21.84
N TRP C 168 -17.54 13.87 -23.05
CA TRP C 168 -16.57 14.71 -23.75
C TRP C 168 -17.16 15.14 -25.08
N ASN C 169 -17.12 16.45 -25.35
CA ASN C 169 -17.66 17.00 -26.60
C ASN C 169 -19.08 16.48 -26.84
N SER C 170 -19.86 16.41 -25.75
CA SER C 170 -21.26 16.01 -25.82
C SER C 170 -21.42 14.63 -26.47
N GLY C 171 -20.43 13.75 -26.24
CA GLY C 171 -20.50 12.41 -26.72
C GLY C 171 -19.80 12.18 -28.05
N ALA C 172 -19.33 13.24 -28.71
CA ALA C 172 -18.61 13.09 -29.96
C ALA C 172 -17.22 12.51 -29.74
N LEU C 173 -16.72 12.51 -28.50
CA LEU C 173 -15.43 11.93 -28.18
C LEU C 173 -15.64 10.82 -27.15
N THR C 174 -15.38 9.57 -27.53
CA THR C 174 -15.51 8.44 -26.61
C THR C 174 -14.25 7.59 -26.54
N SER C 175 -13.48 7.51 -27.62
CA SER C 175 -12.33 6.61 -27.59
C SER C 175 -11.25 7.18 -26.67
N GLY C 176 -10.65 6.30 -25.88
CA GLY C 176 -9.63 6.69 -24.93
C GLY C 176 -10.13 7.36 -23.66
N VAL C 177 -11.45 7.52 -23.48
CA VAL C 177 -11.99 8.14 -22.28
C VAL C 177 -12.01 7.12 -21.15
N HIS C 178 -11.57 7.54 -19.97
CA HIS C 178 -11.74 6.78 -18.73
C HIS C 178 -12.31 7.72 -17.68
N THR C 179 -13.52 7.44 -17.22
CA THR C 179 -14.14 8.18 -16.14
C THR C 179 -14.11 7.30 -14.90
N PHE C 180 -13.42 7.77 -13.86
CA PHE C 180 -13.14 6.95 -12.69
C PHE C 180 -14.30 6.95 -11.69
N PRO C 181 -14.45 5.87 -10.92
CA PRO C 181 -15.41 5.90 -9.83
C PRO C 181 -15.13 7.08 -8.91
N ALA C 182 -16.20 7.68 -8.39
CA ALA C 182 -16.03 8.76 -7.42
C ALA C 182 -15.41 8.23 -6.13
N VAL C 183 -14.71 9.13 -5.45
CA VAL C 183 -14.29 8.89 -4.08
C VAL C 183 -15.05 9.84 -3.16
N LEU C 184 -15.32 9.36 -1.95
CA LEU C 184 -15.93 10.17 -0.91
C LEU C 184 -14.82 10.78 -0.07
N GLN C 185 -14.76 12.09 -0.04
CA GLN C 185 -13.71 12.76 0.70
C GLN C 185 -14.12 12.90 2.16
N SER C 186 -13.12 13.18 3.01
CA SER C 186 -13.38 13.34 4.43
C SER C 186 -14.31 14.51 4.71
N SER C 187 -14.40 15.47 3.79
CA SER C 187 -15.33 16.58 3.93
C SER C 187 -16.79 16.17 3.77
N GLY C 188 -17.05 14.93 3.36
CA GLY C 188 -18.36 14.46 3.02
C GLY C 188 -18.79 14.74 1.60
N LEU C 189 -17.94 15.35 0.79
CA LEU C 189 -18.26 15.61 -0.61
C LEU C 189 -17.49 14.65 -1.48
N TYR C 190 -18.04 14.37 -2.65
CA TYR C 190 -17.46 13.46 -3.63
C TYR C 190 -16.54 14.19 -4.58
N SER C 191 -15.61 13.43 -5.15
CA SER C 191 -14.79 13.92 -6.23
C SER C 191 -14.52 12.79 -7.21
N LEU C 192 -14.41 13.17 -8.47
CA LEU C 192 -14.27 12.24 -9.58
C LEU C 192 -13.33 12.88 -10.60
N SER C 193 -12.52 12.07 -11.28
CA SER C 193 -11.75 12.53 -12.44
C SER C 193 -12.17 11.76 -13.68
N SER C 194 -12.14 12.45 -14.82
CA SER C 194 -12.34 11.84 -16.12
C SER C 194 -11.19 12.27 -17.01
N VAL C 195 -10.59 11.30 -17.69
CA VAL C 195 -9.42 11.55 -18.53
C VAL C 195 -9.65 11.01 -19.93
N VAL C 196 -8.84 11.52 -20.84
CA VAL C 196 -8.84 11.00 -22.19
C VAL C 196 -7.41 11.10 -22.71
N THR C 197 -7.01 10.10 -23.49
CA THR C 197 -5.75 10.17 -24.22
C THR C 197 -6.03 10.55 -25.67
N VAL C 198 -5.20 11.44 -26.19
CA VAL C 198 -5.37 11.99 -27.54
C VAL C 198 -3.99 12.19 -28.16
N PRO C 199 -3.93 12.31 -29.49
CA PRO C 199 -2.64 12.56 -30.12
C PRO C 199 -2.07 13.92 -29.73
N SER C 200 -0.76 13.94 -29.46
CA SER C 200 -0.11 15.16 -28.99
C SER C 200 -0.06 16.24 -30.05
N SER C 201 0.02 15.86 -31.33
CA SER C 201 0.13 16.87 -32.39
C SER C 201 -1.09 17.79 -32.38
N SER C 202 -2.25 17.22 -32.09
CA SER C 202 -3.55 17.86 -32.19
C SER C 202 -3.83 18.89 -31.10
N LEU C 203 -2.88 19.21 -30.22
CA LEU C 203 -3.25 19.86 -28.97
C LEU C 203 -3.66 21.32 -29.17
N GLY C 204 -2.98 22.03 -30.08
CA GLY C 204 -3.38 23.41 -30.33
C GLY C 204 -4.52 23.56 -31.31
N THR C 205 -4.88 22.49 -32.00
CA THR C 205 -5.82 22.53 -33.12
C THR C 205 -7.14 21.83 -32.84
N GLN C 206 -7.27 21.15 -31.69
CA GLN C 206 -8.45 20.36 -31.40
C GLN C 206 -9.12 20.83 -30.11
N THR C 207 -10.44 20.73 -30.10
CA THR C 207 -11.24 21.19 -28.98
C THR C 207 -11.64 20.00 -28.12
N TYR C 208 -11.32 20.10 -26.83
CA TYR C 208 -11.75 19.11 -25.85
C TYR C 208 -12.53 19.81 -24.75
N ILE C 209 -13.81 19.44 -24.59
CA ILE C 209 -14.68 20.01 -23.58
C ILE C 209 -15.29 18.85 -22.80
N CYS C 210 -15.15 18.88 -21.48
CA CYS C 210 -15.87 17.92 -20.66
C CYS C 210 -17.20 18.51 -20.23
N ASN C 211 -18.23 17.70 -20.30
CA ASN C 211 -19.57 18.08 -19.89
C ASN C 211 -19.92 17.33 -18.63
N VAL C 212 -20.28 18.07 -17.59
CA VAL C 212 -20.49 17.50 -16.27
C VAL C 212 -21.90 17.85 -15.84
N ASN C 213 -22.73 16.83 -15.70
CA ASN C 213 -24.13 16.99 -15.31
C ASN C 213 -24.34 16.44 -13.90
N HIS C 214 -25.03 17.21 -13.06
CA HIS C 214 -25.34 16.80 -11.69
C HIS C 214 -26.81 17.16 -11.46
N LYS C 215 -27.67 16.17 -11.67
CA LYS C 215 -29.11 16.42 -11.61
C LYS C 215 -29.57 16.91 -10.25
N PRO C 216 -29.03 16.43 -9.12
CA PRO C 216 -29.53 16.91 -7.83
C PRO C 216 -29.42 18.41 -7.62
N SER C 217 -28.41 19.06 -8.19
CA SER C 217 -28.27 20.50 -8.13
C SER C 217 -28.79 21.19 -9.40
N ASN C 218 -29.32 20.41 -10.33
CA ASN C 218 -29.78 20.95 -11.61
C ASN C 218 -28.68 21.74 -12.31
N THR C 219 -27.50 21.14 -12.41
CA THR C 219 -26.35 21.83 -12.98
C THR C 219 -25.79 21.05 -14.18
N LYS C 220 -25.37 21.82 -15.19
CA LYS C 220 -24.66 21.30 -16.36
C LYS C 220 -23.53 22.27 -16.63
N VAL C 221 -22.30 21.78 -16.59
CA VAL C 221 -21.12 22.62 -16.73
C VAL C 221 -20.29 22.05 -17.88
N ASP C 222 -19.87 22.92 -18.80
CA ASP C 222 -18.94 22.55 -19.85
C ASP C 222 -17.61 23.21 -19.52
N LYS C 223 -16.53 22.42 -19.57
CA LYS C 223 -15.21 22.95 -19.24
C LYS C 223 -14.24 22.62 -20.39
N ARG C 224 -13.75 23.66 -21.03
CA ARG C 224 -12.73 23.52 -22.07
C ARG C 224 -11.42 23.14 -21.40
N VAL C 225 -10.74 22.15 -21.94
CA VAL C 225 -9.45 21.72 -21.41
C VAL C 225 -8.40 21.91 -22.50
N GLU C 226 -7.41 22.77 -22.24
CA GLU C 226 -6.41 23.07 -23.26
C GLU C 226 -5.04 23.24 -22.62
N PRO C 227 -3.97 23.25 -23.41
CA PRO C 227 -2.65 23.47 -22.82
C PRO C 227 -2.62 24.77 -22.02
N LYS C 228 -1.91 24.73 -20.91
CA LYS C 228 -1.74 25.95 -20.12
C LYS C 228 -0.75 26.86 -20.83
N SER C 229 -1.08 28.15 -20.90
CA SER C 229 -0.17 29.12 -21.48
C SER C 229 0.95 29.45 -20.51
N ASP D 1 -20.65 -15.61 16.10
CA ASP D 1 -21.21 -15.70 14.73
C ASP D 1 -20.34 -16.62 13.88
N ILE D 2 -20.89 -17.10 12.78
CA ILE D 2 -20.15 -17.88 11.81
C ILE D 2 -19.54 -16.90 10.80
N VAL D 3 -18.21 -16.98 10.65
CA VAL D 3 -17.49 -16.10 9.74
C VAL D 3 -17.17 -16.88 8.46
N MET D 4 -17.58 -16.32 7.31
CA MET D 4 -17.31 -16.90 6.02
C MET D 4 -16.16 -16.16 5.35
N THR D 5 -15.18 -16.91 4.83
CA THR D 5 -14.04 -16.33 4.14
C THR D 5 -13.93 -16.99 2.78
N GLN D 6 -13.27 -16.31 1.87
CA GLN D 6 -13.03 -16.81 0.53
C GLN D 6 -11.59 -16.58 0.15
N SER D 7 -11.09 -17.46 -0.71
CA SER D 7 -9.78 -17.25 -1.32
C SER D 7 -9.79 -17.86 -2.71
N PRO D 8 -9.04 -17.30 -3.65
CA PRO D 8 -8.28 -16.06 -3.52
C PRO D 8 -9.23 -14.87 -3.64
N SER D 9 -8.80 -13.67 -3.25
CA SER D 9 -9.67 -12.50 -3.46
C SER D 9 -9.80 -12.16 -4.93
N THR D 10 -8.80 -12.52 -5.73
CA THR D 10 -8.76 -12.21 -7.16
C THR D 10 -8.12 -13.37 -7.90
N LEU D 11 -8.57 -13.58 -9.12
CA LEU D 11 -8.07 -14.64 -9.98
C LEU D 11 -8.18 -14.14 -11.42
N SER D 12 -7.14 -14.36 -12.21
CA SER D 12 -7.16 -14.02 -13.63
C SER D 12 -7.19 -15.30 -14.45
N ALA D 13 -8.04 -15.34 -15.46
CA ALA D 13 -8.14 -16.56 -16.25
C ALA D 13 -8.50 -16.28 -17.70
N SER D 14 -8.28 -17.26 -18.56
CA SER D 14 -8.64 -17.18 -19.97
C SER D 14 -9.90 -17.99 -20.26
N VAL D 15 -10.59 -17.59 -21.33
CA VAL D 15 -11.72 -18.35 -21.84
C VAL D 15 -11.24 -19.76 -22.13
N GLY D 16 -11.99 -20.75 -21.64
CA GLY D 16 -11.63 -22.15 -21.76
C GLY D 16 -10.89 -22.73 -20.57
N ASP D 17 -10.39 -21.90 -19.66
CA ASP D 17 -9.67 -22.39 -18.49
C ASP D 17 -10.64 -23.04 -17.50
N ARG D 18 -10.12 -24.00 -16.75
CA ARG D 18 -10.80 -24.49 -15.56
C ARG D 18 -10.44 -23.59 -14.38
N VAL D 19 -11.46 -23.12 -13.67
CA VAL D 19 -11.30 -22.17 -12.57
C VAL D 19 -11.91 -22.81 -11.31
N THR D 20 -11.18 -22.74 -10.19
CA THR D 20 -11.69 -23.19 -8.90
C THR D 20 -11.46 -22.10 -7.86
N ILE D 21 -12.50 -21.80 -7.09
CA ILE D 21 -12.42 -20.82 -6.01
C ILE D 21 -12.96 -21.43 -4.73
N SER D 22 -12.45 -20.96 -3.60
CA SER D 22 -12.67 -21.60 -2.32
C SER D 22 -13.42 -20.70 -1.35
N CYS D 23 -14.15 -21.35 -0.47
CA CYS D 23 -14.95 -20.71 0.57
C CYS D 23 -14.77 -21.54 1.85
N ARG D 24 -14.64 -20.86 2.98
CA ARG D 24 -14.43 -21.51 4.26
C ARG D 24 -15.39 -20.92 5.29
N ALA D 25 -15.95 -21.78 6.12
CA ALA D 25 -16.75 -21.35 7.26
C ALA D 25 -15.94 -21.55 8.55
N SER D 26 -16.11 -20.65 9.51
CA SER D 26 -15.32 -20.73 10.74
C SER D 26 -15.76 -21.86 11.66
N GLN D 27 -16.94 -22.45 11.43
CA GLN D 27 -17.43 -23.64 12.09
C GLN D 27 -18.19 -24.46 11.07
N SER D 28 -18.40 -25.74 11.36
CA SER D 28 -19.10 -26.58 10.40
C SER D 28 -20.49 -26.04 10.09
N ILE D 29 -20.84 -26.04 8.80
CA ILE D 29 -22.16 -25.65 8.35
C ILE D 29 -22.75 -26.72 7.43
N SER D 30 -22.32 -27.98 7.60
CA SER D 30 -22.88 -29.10 6.84
C SER D 30 -22.84 -28.72 5.35
N SER D 31 -23.95 -28.85 4.63
CA SER D 31 -24.06 -28.50 3.21
C SER D 31 -24.87 -27.22 2.98
N TRP D 32 -25.02 -26.40 4.03
CA TRP D 32 -25.87 -25.21 4.02
C TRP D 32 -25.10 -24.03 3.42
N LEU D 33 -24.75 -24.18 2.15
CA LEU D 33 -23.86 -23.25 1.48
C LEU D 33 -24.32 -23.05 0.06
N ALA D 34 -24.40 -21.79 -0.36
CA ALA D 34 -24.80 -21.42 -1.70
C ALA D 34 -23.71 -20.55 -2.33
N TRP D 35 -23.78 -20.41 -3.65
CA TRP D 35 -22.87 -19.55 -4.40
C TRP D 35 -23.66 -18.62 -5.28
N TYR D 36 -23.21 -17.35 -5.32
CA TYR D 36 -23.81 -16.28 -6.09
C TYR D 36 -22.78 -15.67 -7.03
N GLN D 37 -23.27 -15.24 -8.19
CA GLN D 37 -22.49 -14.47 -9.16
C GLN D 37 -22.99 -13.04 -9.21
N GLN D 38 -22.09 -12.07 -9.30
CA GLN D 38 -22.52 -10.68 -9.43
C GLN D 38 -21.62 -9.95 -10.41
N LYS D 39 -22.21 -9.27 -11.32
CA LYS D 39 -21.51 -8.34 -12.20
C LYS D 39 -21.74 -6.93 -11.67
N PRO D 40 -20.81 -6.01 -11.90
CA PRO D 40 -20.89 -4.70 -11.23
C PRO D 40 -22.17 -3.94 -11.55
N GLY D 41 -22.78 -3.39 -10.51
CA GLY D 41 -23.97 -2.58 -10.67
C GLY D 41 -25.21 -3.36 -10.99
N ARG D 42 -25.19 -4.67 -10.81
CA ARG D 42 -26.37 -5.49 -11.03
C ARG D 42 -26.60 -6.36 -9.81
N ALA D 43 -27.82 -6.86 -9.71
CA ALA D 43 -28.14 -7.74 -8.63
C ALA D 43 -27.39 -9.06 -8.81
N PRO D 44 -27.08 -9.74 -7.72
CA PRO D 44 -26.47 -11.07 -7.85
C PRO D 44 -27.47 -12.10 -8.33
N LYS D 45 -26.92 -13.24 -8.72
CA LYS D 45 -27.69 -14.38 -9.20
C LYS D 45 -27.24 -15.65 -8.52
N LEU D 46 -28.21 -16.46 -8.06
CA LEU D 46 -27.94 -17.74 -7.43
C LEU D 46 -27.47 -18.75 -8.45
N LEU D 47 -26.35 -19.39 -8.17
CA LEU D 47 -25.80 -20.44 -9.02
C LEU D 47 -26.01 -21.83 -8.44
N ILE D 48 -25.67 -22.02 -7.17
CA ILE D 48 -25.56 -23.33 -6.54
C ILE D 48 -26.08 -23.20 -5.12
N TYR D 49 -26.78 -24.24 -4.65
CA TYR D 49 -27.20 -24.30 -3.26
C TYR D 49 -27.00 -25.73 -2.79
N LYS D 50 -27.18 -25.96 -1.50
CA LYS D 50 -26.88 -27.27 -0.92
C LYS D 50 -25.49 -27.76 -1.29
N ALA D 51 -24.54 -26.80 -1.37
CA ALA D 51 -23.14 -27.04 -1.72
C ALA D 51 -22.88 -27.49 -3.16
N SER D 52 -23.79 -28.30 -3.73
CA SER D 52 -23.51 -28.88 -5.04
C SER D 52 -24.70 -28.92 -5.99
N SER D 53 -25.86 -28.38 -5.60
CA SER D 53 -27.06 -28.45 -6.44
C SER D 53 -27.13 -27.22 -7.33
N LEU D 54 -27.21 -27.41 -8.64
CA LEU D 54 -27.33 -26.28 -9.54
C LEU D 54 -28.75 -25.72 -9.50
N GLU D 55 -28.85 -24.41 -9.40
CA GLU D 55 -30.13 -23.74 -9.52
C GLU D 55 -30.65 -23.87 -10.95
N THR D 56 -31.99 -23.83 -11.09
CA THR D 56 -32.63 -23.95 -12.39
C THR D 56 -32.05 -22.96 -13.38
N GLY D 57 -31.64 -23.47 -14.54
CA GLY D 57 -31.22 -22.62 -15.63
C GLY D 57 -29.75 -22.23 -15.60
N VAL D 58 -29.04 -22.56 -14.53
CA VAL D 58 -27.60 -22.28 -14.45
C VAL D 58 -26.86 -23.25 -15.37
N PRO D 59 -25.87 -22.80 -16.13
CA PRO D 59 -25.18 -23.70 -17.06
C PRO D 59 -24.36 -24.75 -16.34
N SER D 60 -24.27 -25.92 -16.97
CA SER D 60 -23.67 -27.08 -16.34
C SER D 60 -22.16 -26.99 -16.18
N ARG D 61 -21.50 -25.98 -16.74
CA ARG D 61 -20.07 -25.82 -16.47
C ARG D 61 -19.79 -25.43 -15.02
N PHE D 62 -20.80 -24.93 -14.30
CA PHE D 62 -20.66 -24.63 -12.89
C PHE D 62 -20.90 -25.89 -12.07
N SER D 63 -20.05 -26.10 -11.08
CA SER D 63 -20.27 -27.17 -10.10
C SER D 63 -19.73 -26.71 -8.75
N GLY D 64 -20.22 -27.36 -7.70
CA GLY D 64 -19.79 -27.06 -6.35
C GLY D 64 -19.53 -28.33 -5.57
N SER D 65 -18.62 -28.23 -4.62
CA SER D 65 -18.34 -29.37 -3.77
C SER D 65 -18.05 -28.88 -2.36
N GLY D 66 -18.15 -29.80 -1.41
CA GLY D 66 -17.74 -29.57 -0.04
C GLY D 66 -18.86 -29.81 0.96
N SER D 67 -18.43 -29.92 2.22
CA SER D 67 -19.34 -30.13 3.35
C SER D 67 -18.54 -29.90 4.62
N GLY D 68 -19.11 -29.15 5.55
CA GLY D 68 -18.48 -28.87 6.81
C GLY D 68 -17.94 -27.45 6.83
N THR D 69 -16.63 -27.28 6.67
CA THR D 69 -16.03 -25.95 6.67
C THR D 69 -15.39 -25.56 5.35
N GLU D 70 -15.13 -26.49 4.43
CA GLU D 70 -14.41 -26.18 3.20
C GLU D 70 -15.27 -26.48 1.97
N PHE D 71 -15.38 -25.48 1.09
CA PHE D 71 -16.22 -25.54 -0.09
C PHE D 71 -15.48 -25.01 -1.29
N THR D 72 -15.85 -25.49 -2.47
CA THR D 72 -15.26 -25.01 -3.71
C THR D 72 -16.32 -24.86 -4.78
N LEU D 73 -16.17 -23.82 -5.60
CA LEU D 73 -16.93 -23.65 -6.84
C LEU D 73 -15.96 -23.85 -7.99
N THR D 74 -16.35 -24.66 -8.97
CA THR D 74 -15.55 -24.92 -10.15
C THR D 74 -16.31 -24.55 -11.41
N ILE D 75 -15.62 -23.89 -12.33
CA ILE D 75 -16.11 -23.64 -13.68
C ILE D 75 -15.28 -24.49 -14.63
N SER D 76 -15.90 -25.46 -15.29
CA SER D 76 -15.13 -26.45 -16.04
C SER D 76 -14.39 -25.82 -17.20
N SER D 77 -15.02 -24.86 -17.88
CA SER D 77 -14.45 -24.24 -19.06
C SER D 77 -15.02 -22.83 -19.08
N LEU D 78 -14.20 -21.87 -18.68
CA LEU D 78 -14.67 -20.51 -18.48
C LEU D 78 -15.14 -19.87 -19.79
N GLN D 79 -16.27 -19.19 -19.73
CA GLN D 79 -16.83 -18.50 -20.88
C GLN D 79 -16.84 -17.00 -20.63
N PRO D 80 -16.95 -16.18 -21.67
CA PRO D 80 -16.91 -14.73 -21.46
C PRO D 80 -17.92 -14.23 -20.43
N ASP D 81 -19.10 -14.83 -20.37
CA ASP D 81 -20.12 -14.39 -19.43
C ASP D 81 -19.73 -14.61 -17.98
N ASP D 82 -18.64 -15.33 -17.72
CA ASP D 82 -18.30 -15.75 -16.36
C ASP D 82 -17.38 -14.78 -15.62
N PHE D 83 -16.82 -13.79 -16.30
CA PHE D 83 -16.02 -12.78 -15.61
C PHE D 83 -16.95 -11.94 -14.74
N ALA D 84 -16.72 -12.02 -13.44
CA ALA D 84 -17.66 -11.57 -12.43
C ALA D 84 -17.05 -11.74 -11.06
N THR D 85 -17.75 -11.28 -10.01
CA THR D 85 -17.41 -11.62 -8.64
C THR D 85 -18.33 -12.72 -8.12
N TYR D 86 -17.76 -13.66 -7.39
CA TYR D 86 -18.48 -14.80 -6.85
C TYR D 86 -18.44 -14.76 -5.34
N TYR D 87 -19.62 -14.89 -4.73
CA TYR D 87 -19.80 -14.86 -3.29
C TYR D 87 -20.36 -16.19 -2.83
N CYS D 88 -19.76 -16.79 -1.81
CA CYS D 88 -20.47 -17.87 -1.15
C CYS D 88 -21.38 -17.30 -0.08
N GLN D 89 -22.26 -18.15 0.43
CA GLN D 89 -23.26 -17.68 1.39
C GLN D 89 -23.70 -18.85 2.24
N HIS D 90 -23.63 -18.71 3.55
CA HIS D 90 -24.26 -19.66 4.45
C HIS D 90 -25.68 -19.21 4.71
N TYR D 91 -26.60 -20.18 4.74
CA TYR D 91 -28.00 -19.89 5.03
C TYR D 91 -28.50 -20.80 6.15
N ASN D 92 -29.37 -20.27 6.98
CA ASN D 92 -30.14 -21.05 7.95
C ASN D 92 -31.44 -20.32 8.24
N THR D 93 -32.26 -20.89 9.14
CA THR D 93 -33.58 -20.35 9.35
C THR D 93 -33.55 -18.90 9.81
N TYR D 94 -32.48 -18.48 10.50
CA TYR D 94 -32.44 -17.16 11.11
C TYR D 94 -31.64 -16.13 10.34
N LEU D 95 -30.71 -16.54 9.49
CA LEU D 95 -29.86 -15.57 8.83
C LEU D 95 -29.31 -16.09 7.51
N PHE D 96 -28.77 -15.14 6.74
CA PHE D 96 -27.88 -15.38 5.61
C PHE D 96 -26.59 -14.65 5.92
N THR D 97 -25.47 -15.27 5.59
CA THR D 97 -24.17 -14.60 5.74
C THR D 97 -23.35 -14.80 4.48
N PHE D 98 -22.96 -13.72 3.83
CA PHE D 98 -22.13 -13.82 2.63
C PHE D 98 -20.64 -13.80 2.95
N GLY D 99 -19.87 -14.55 2.16
CA GLY D 99 -18.43 -14.42 2.08
C GLY D 99 -18.06 -13.13 1.40
N PRO D 100 -16.76 -12.80 1.41
CA PRO D 100 -16.30 -11.49 0.96
C PRO D 100 -16.11 -11.36 -0.54
N GLY D 101 -16.17 -12.45 -1.28
CA GLY D 101 -16.12 -12.39 -2.73
C GLY D 101 -14.75 -12.73 -3.31
N THR D 102 -14.78 -13.30 -4.50
CA THR D 102 -13.62 -13.54 -5.35
C THR D 102 -13.92 -12.97 -6.72
N LYS D 103 -13.09 -12.04 -7.19
CA LYS D 103 -13.28 -11.45 -8.51
C LYS D 103 -12.44 -12.22 -9.52
N VAL D 104 -13.07 -12.63 -10.61
CA VAL D 104 -12.41 -13.37 -11.69
C VAL D 104 -12.35 -12.43 -12.89
N ASP D 105 -11.13 -12.05 -13.32
CA ASP D 105 -10.96 -11.16 -14.46
C ASP D 105 -10.30 -11.91 -15.62
N LEU D 106 -10.21 -11.22 -16.75
CA LEU D 106 -9.73 -11.81 -17.99
C LEU D 106 -8.23 -11.60 -18.10
N LYS D 107 -7.50 -12.69 -18.27
CA LYS D 107 -6.06 -12.61 -18.44
C LYS D 107 -5.71 -12.04 -19.80
N ARG D 108 -4.67 -11.20 -19.83
CA ARG D 108 -4.04 -10.74 -21.05
C ARG D 108 -2.55 -10.57 -20.76
N THR D 109 -1.79 -10.20 -21.79
CA THR D 109 -0.36 -9.99 -21.59
C THR D 109 -0.11 -8.80 -20.66
N VAL D 110 1.02 -8.86 -19.98
CA VAL D 110 1.40 -7.77 -19.08
C VAL D 110 1.55 -6.49 -19.88
N ALA D 111 1.04 -5.39 -19.32
CA ALA D 111 1.11 -4.09 -19.97
C ALA D 111 1.46 -3.08 -18.89
N ALA D 112 2.56 -2.37 -19.07
CA ALA D 112 2.96 -1.36 -18.11
C ALA D 112 2.07 -0.14 -18.23
N PRO D 113 1.82 0.56 -17.13
CA PRO D 113 1.04 1.78 -17.19
C PRO D 113 1.82 2.89 -17.87
N SER D 114 1.10 3.71 -18.64
CA SER D 114 1.60 5.01 -19.06
C SER D 114 1.21 6.00 -17.96
N VAL D 115 2.17 6.79 -17.47
CA VAL D 115 1.96 7.63 -16.30
C VAL D 115 1.97 9.09 -16.70
N PHE D 116 1.07 9.85 -16.10
CA PHE D 116 0.93 11.29 -16.32
C PHE D 116 0.69 11.97 -14.99
N ILE D 117 1.31 13.13 -14.79
CA ILE D 117 1.04 13.94 -13.60
C ILE D 117 0.43 15.28 -14.00
N PHE D 118 -0.50 15.76 -13.18
CA PHE D 118 -1.21 17.02 -13.44
C PHE D 118 -1.09 17.93 -12.24
N PRO D 119 -0.50 19.12 -12.39
CA PRO D 119 -0.50 20.07 -11.28
C PRO D 119 -1.88 20.61 -11.05
N PRO D 120 -2.16 21.18 -9.88
CA PRO D 120 -3.45 21.86 -9.67
C PRO D 120 -3.65 23.01 -10.63
N SER D 121 -4.89 23.25 -11.02
CA SER D 121 -5.22 24.40 -11.85
C SER D 121 -5.11 25.70 -11.06
N ASP D 122 -4.79 26.80 -11.77
CA ASP D 122 -4.79 28.10 -11.10
C ASP D 122 -6.17 28.42 -10.55
N GLU D 123 -7.22 28.03 -11.27
CA GLU D 123 -8.58 28.28 -10.78
C GLU D 123 -8.81 27.63 -9.43
N GLN D 124 -8.38 26.38 -9.27
CA GLN D 124 -8.59 25.71 -7.99
C GLN D 124 -7.78 26.37 -6.89
N LEU D 125 -6.52 26.73 -7.18
CA LEU D 125 -5.67 27.33 -6.15
C LEU D 125 -6.30 28.60 -5.58
N LYS D 126 -6.97 29.38 -6.41
CA LYS D 126 -7.69 30.57 -5.95
C LYS D 126 -8.50 30.30 -4.69
N SER D 127 -9.09 29.10 -4.61
CA SER D 127 -10.04 28.77 -3.57
C SER D 127 -9.41 28.17 -2.32
N GLY D 128 -8.09 27.96 -2.29
CA GLY D 128 -7.42 27.54 -1.07
C GLY D 128 -7.00 26.08 -1.01
N THR D 129 -7.29 25.30 -2.04
CA THR D 129 -6.95 23.87 -2.05
C THR D 129 -6.21 23.52 -3.33
N ALA D 130 -5.33 22.54 -3.22
CA ALA D 130 -4.53 22.03 -4.32
C ALA D 130 -4.78 20.54 -4.45
N SER D 131 -5.26 20.11 -5.61
CA SER D 131 -5.32 18.71 -5.95
C SER D 131 -4.28 18.41 -7.02
N VAL D 132 -3.41 17.43 -6.75
CA VAL D 132 -2.45 16.95 -7.73
C VAL D 132 -2.88 15.56 -8.15
N VAL D 133 -2.93 15.31 -9.46
CA VAL D 133 -3.48 14.06 -9.99
C VAL D 133 -2.41 13.28 -10.73
N CYS D 134 -2.36 11.99 -10.47
CA CYS D 134 -1.48 11.07 -11.16
C CYS D 134 -2.33 10.00 -11.81
N LEU D 135 -2.16 9.83 -13.12
CA LEU D 135 -2.91 8.86 -13.91
C LEU D 135 -1.97 7.74 -14.31
N LEU D 136 -2.41 6.51 -14.06
CA LEU D 136 -1.77 5.29 -14.54
C LEU D 136 -2.73 4.73 -15.59
N ASN D 137 -2.33 4.75 -16.85
CA ASN D 137 -3.26 4.41 -17.92
C ASN D 137 -2.95 3.09 -18.58
N ASN D 138 -4.00 2.27 -18.73
CA ASN D 138 -4.02 1.08 -19.61
C ASN D 138 -2.93 0.06 -19.25
N PHE D 139 -3.03 -0.49 -18.05
CA PHE D 139 -2.07 -1.45 -17.55
C PHE D 139 -2.74 -2.78 -17.20
N TYR D 140 -1.93 -3.83 -17.13
CA TYR D 140 -2.40 -5.15 -16.72
C TYR D 140 -1.21 -5.90 -16.17
N PRO D 141 -1.34 -6.64 -15.06
CA PRO D 141 -2.53 -6.85 -14.25
C PRO D 141 -2.86 -5.65 -13.36
N ARG D 142 -3.90 -5.82 -12.55
CA ARG D 142 -4.49 -4.71 -11.82
C ARG D 142 -3.58 -4.23 -10.70
N GLU D 143 -2.72 -5.08 -10.16
CA GLU D 143 -1.88 -4.70 -9.03
C GLU D 143 -0.91 -3.59 -9.43
N ALA D 144 -0.93 -2.51 -8.67
CA ALA D 144 -0.08 -1.36 -8.94
C ALA D 144 0.03 -0.54 -7.66
N LYS D 145 1.14 0.18 -7.54
CA LYS D 145 1.39 1.01 -6.38
C LYS D 145 1.78 2.41 -6.82
N VAL D 146 1.12 3.41 -6.27
CA VAL D 146 1.48 4.82 -6.43
C VAL D 146 2.02 5.33 -5.11
N GLN D 147 3.17 6.01 -5.16
CA GLN D 147 3.73 6.70 -4.02
C GLN D 147 3.91 8.16 -4.39
N TRP D 148 3.33 9.06 -3.60
CA TRP D 148 3.55 10.48 -3.77
C TRP D 148 4.76 10.92 -2.96
N LYS D 149 5.58 11.78 -3.57
CA LYS D 149 6.76 12.33 -2.93
C LYS D 149 6.76 13.83 -3.16
N VAL D 150 7.00 14.58 -2.09
CA VAL D 150 6.95 16.03 -2.10
C VAL D 150 8.31 16.46 -1.54
N ASP D 151 9.12 17.09 -2.38
CA ASP D 151 10.53 17.34 -2.03
C ASP D 151 11.18 16.10 -1.43
N ASN D 152 10.92 14.94 -2.04
CA ASN D 152 11.46 13.62 -1.71
C ASN D 152 10.78 12.98 -0.51
N ALA D 153 9.95 13.69 0.24
CA ALA D 153 9.29 13.09 1.40
C ALA D 153 8.10 12.25 0.97
N LEU D 154 8.07 11.00 1.42
CA LEU D 154 6.98 10.10 1.09
C LEU D 154 5.73 10.52 1.84
N GLN D 155 4.64 10.71 1.10
CA GLN D 155 3.39 11.18 1.66
C GLN D 155 2.58 9.97 2.11
N SER D 156 1.79 10.18 3.15
CA SER D 156 0.90 9.14 3.64
C SER D 156 -0.35 9.82 4.16
N GLY D 157 -1.52 9.26 3.79
CA GLY D 157 -2.79 9.67 4.36
C GLY D 157 -3.51 10.81 3.68
N ASN D 158 -2.90 11.44 2.67
CA ASN D 158 -3.46 12.61 2.01
C ASN D 158 -3.73 12.34 0.53
N SER D 159 -3.91 11.09 0.16
CA SER D 159 -4.25 10.75 -1.21
C SER D 159 -5.41 9.76 -1.21
N GLN D 160 -6.15 9.75 -2.32
CA GLN D 160 -7.19 8.75 -2.57
C GLN D 160 -7.06 8.29 -4.02
N GLU D 161 -7.40 7.03 -4.27
CA GLU D 161 -7.32 6.54 -5.63
C GLU D 161 -8.55 5.77 -5.98
N SER D 162 -8.73 5.63 -7.28
CA SER D 162 -9.87 4.97 -7.88
C SER D 162 -9.42 4.22 -9.13
N VAL D 163 -10.08 3.10 -9.46
CA VAL D 163 -9.65 2.28 -10.59
C VAL D 163 -10.86 1.95 -11.44
N THR D 164 -10.69 1.97 -12.76
CA THR D 164 -11.76 1.56 -13.66
C THR D 164 -11.93 0.04 -13.64
N GLU D 165 -13.05 -0.40 -14.20
CA GLU D 165 -13.24 -1.81 -14.47
C GLU D 165 -12.46 -2.17 -15.73
N GLN D 166 -12.17 -3.44 -15.85
CA GLN D 166 -11.40 -3.95 -16.97
C GLN D 166 -12.04 -3.49 -18.29
N ASP D 167 -11.22 -2.93 -19.17
CA ASP D 167 -11.71 -2.35 -20.42
C ASP D 167 -12.26 -3.42 -21.35
N SER D 168 -13.42 -3.13 -21.96
CA SER D 168 -14.07 -4.12 -22.83
C SER D 168 -13.27 -4.38 -24.11
N LYS D 169 -12.43 -3.44 -24.56
CA LYS D 169 -11.72 -3.61 -25.82
C LYS D 169 -10.30 -4.12 -25.66
N ASP D 170 -9.51 -3.61 -24.69
CA ASP D 170 -8.12 -4.03 -24.55
C ASP D 170 -7.80 -4.74 -23.23
N SER D 171 -8.80 -4.97 -22.39
CA SER D 171 -8.63 -5.77 -21.17
C SER D 171 -7.70 -5.14 -20.13
N THR D 172 -7.44 -3.84 -20.21
CA THR D 172 -6.57 -3.17 -19.27
C THR D 172 -7.39 -2.44 -18.20
N TYR D 173 -6.66 -1.95 -17.21
CA TYR D 173 -7.18 -1.09 -16.14
C TYR D 173 -6.52 0.27 -16.23
N SER D 174 -7.21 1.28 -15.71
CA SER D 174 -6.59 2.57 -15.44
C SER D 174 -6.88 2.98 -14.01
N LEU D 175 -5.99 3.81 -13.46
CA LEU D 175 -6.03 4.18 -12.05
C LEU D 175 -5.71 5.67 -11.94
N SER D 176 -6.45 6.39 -11.09
CA SER D 176 -6.13 7.78 -10.78
C SER D 176 -5.87 7.90 -9.29
N SER D 177 -4.86 8.68 -8.93
CA SER D 177 -4.57 8.99 -7.53
C SER D 177 -4.53 10.51 -7.41
N THR D 178 -5.14 11.04 -6.37
CA THR D 178 -5.20 12.47 -6.15
C THR D 178 -4.60 12.76 -4.80
N LEU D 179 -3.60 13.64 -4.80
CA LEU D 179 -3.00 14.16 -3.58
C LEU D 179 -3.66 15.49 -3.26
N THR D 180 -4.21 15.64 -2.05
CA THR D 180 -4.90 16.88 -1.69
C THR D 180 -4.14 17.62 -0.59
N LEU D 181 -3.80 18.88 -0.84
CA LEU D 181 -3.11 19.72 0.13
C LEU D 181 -3.83 21.07 0.20
N SER D 182 -3.76 21.70 1.37
CA SER D 182 -4.13 23.10 1.43
C SER D 182 -3.17 23.92 0.56
N LYS D 183 -3.66 25.07 0.10
CA LYS D 183 -2.80 25.99 -0.65
C LYS D 183 -1.56 26.35 0.15
N ALA D 184 -1.72 26.65 1.44
CA ALA D 184 -0.55 27.01 2.24
C ALA D 184 0.48 25.88 2.26
N ASP D 185 0.03 24.65 2.47
CA ASP D 185 0.98 23.54 2.48
C ASP D 185 1.56 23.27 1.10
N TYR D 186 0.73 23.36 0.06
CA TYR D 186 1.22 23.20 -1.31
C TYR D 186 2.37 24.16 -1.60
N GLU D 187 2.25 25.40 -1.16
CA GLU D 187 3.26 26.40 -1.44
C GLU D 187 4.51 26.30 -0.56
N LYS D 188 4.56 25.39 0.42
CA LYS D 188 5.75 25.20 1.23
C LYS D 188 6.80 24.29 0.57
N HIS D 189 6.51 23.70 -0.58
CA HIS D 189 7.39 22.74 -1.21
C HIS D 189 7.42 22.95 -2.71
N LYS D 190 8.44 22.41 -3.37
CA LYS D 190 8.71 22.68 -4.77
C LYS D 190 8.42 21.50 -5.71
N VAL D 191 8.97 20.32 -5.42
CA VAL D 191 8.93 19.20 -6.36
C VAL D 191 7.83 18.24 -5.96
N TYR D 192 6.85 18.06 -6.84
CA TYR D 192 5.76 17.11 -6.64
C TYR D 192 5.95 15.92 -7.57
N ALA D 193 5.94 14.71 -7.03
CA ALA D 193 6.24 13.53 -7.84
C ALA D 193 5.30 12.38 -7.52
N CYS D 194 4.95 11.63 -8.56
CA CYS D 194 4.22 10.37 -8.46
C CYS D 194 5.11 9.23 -8.95
N GLU D 195 5.37 8.25 -8.07
CA GLU D 195 6.20 7.10 -8.39
C GLU D 195 5.31 5.87 -8.50
N VAL D 196 5.42 5.20 -9.62
CA VAL D 196 4.56 4.08 -9.95
C VAL D 196 5.36 2.79 -10.04
N THR D 197 4.90 1.78 -9.30
CA THR D 197 5.48 0.45 -9.30
C THR D 197 4.45 -0.52 -9.89
N HIS D 198 4.86 -1.28 -10.89
CA HIS D 198 4.03 -2.25 -11.57
C HIS D 198 4.95 -3.29 -12.18
N GLN D 199 4.50 -4.55 -12.22
CA GLN D 199 5.39 -5.62 -12.67
C GLN D 199 5.74 -5.52 -14.14
N GLY D 200 5.00 -4.74 -14.93
CA GLY D 200 5.40 -4.47 -16.29
C GLY D 200 6.54 -3.50 -16.44
N LEU D 201 6.95 -2.88 -15.32
CA LEU D 201 8.06 -1.92 -15.27
C LEU D 201 9.20 -2.56 -14.48
N SER D 202 10.35 -2.77 -15.14
CA SER D 202 11.53 -3.28 -14.45
C SER D 202 11.90 -2.41 -13.26
N SER D 203 11.86 -1.10 -13.45
CA SER D 203 12.08 -0.15 -12.38
C SER D 203 10.88 0.77 -12.31
N PRO D 204 10.58 1.30 -11.13
CA PRO D 204 9.46 2.22 -11.02
C PRO D 204 9.65 3.45 -11.89
N VAL D 205 8.53 4.02 -12.31
CA VAL D 205 8.52 5.19 -13.17
C VAL D 205 8.00 6.36 -12.36
N THR D 206 8.69 7.49 -12.43
CA THR D 206 8.28 8.69 -11.71
C THR D 206 7.98 9.80 -12.71
N LYS D 207 6.86 10.47 -12.52
CA LYS D 207 6.60 11.75 -13.19
C LYS D 207 6.51 12.83 -12.14
N SER D 208 7.11 14.00 -12.43
CA SER D 208 7.17 15.04 -11.41
C SER D 208 7.14 16.40 -12.09
N PHE D 209 6.86 17.42 -11.29
CA PHE D 209 6.95 18.80 -11.74
C PHE D 209 7.44 19.67 -10.61
N ASN D 210 7.98 20.82 -10.99
CA ASN D 210 8.29 21.91 -10.07
C ASN D 210 7.12 22.88 -9.98
N ARG D 211 6.65 23.13 -8.76
CA ARG D 211 5.53 24.03 -8.55
C ARG D 211 5.82 25.39 -9.16
N GLY D 212 4.89 25.88 -9.97
CA GLY D 212 4.99 27.18 -10.58
C GLY D 212 5.45 27.16 -12.03
N GLU D 213 6.16 26.12 -12.46
CA GLU D 213 6.78 26.15 -13.80
C GLU D 213 5.78 25.85 -14.91
#